data_6QPC
#
_entry.id   6QPC
#
loop_
_entity.id
_entity.type
_entity.pdbx_description
1 polymer Anoctamin-6
2 non-polymer 'CALCIUM ION'
3 non-polymer 1,2-DIDECANOYL-SN-GLYCERO-3-PHOSPHOCHOLINE
#
_entity_poly.entity_id   1
_entity_poly.type   'polypeptide(L)'
_entity_poly.pdbx_seq_one_letter_code
;MQMMTRKVLLNMELEEDDDEDGDIVLENFDQTIVCPTFGSLENQQDFRTPEFEEFNGKPDSLFFTDGQRRIDFILVYEDE
SKKENNKKGTNEKQKRKRQAYESNLICHGLQLEATRSVSDDKLVFVKVHAPWEVLCTYAEIMHIKLPLKPNDLKTRSPFG
NLNWFTKVLRVNESVIKPEQEFFTAPFEKSRMNDFYILDRDSFFNPATRSRIVYFILSRVKYQVMNNVNKFGINRLVSSG
IYKAAFPLHDCRFNYESEDISCPSERYLLYREWAHPRSIYKKQPLDLIRKYYGEKIGIYFAWLGYYTQMLLLAAVVGVAC
FLYGYLDQDNCTWSKEVCDPDIGGQILMCPQCDRLCPFWRLNITCESSKKLCIFDSFGTLIFAVFMGVWVTLFLEFWKRR
QAELEYEWDTVELQQEEQARPEYEAQCNHVVINEITQEEERIPFTTCGKCIRVTLCASAVFFWILLIIASVIGIIVYRLS
VFIVFSTTLPKNPNGTDPIQKYLTPQMATSITASIISFIIIMILNTIYEKVAIMITNFELPRTQTDYENSLTMKMFLFQF
VNYYSSCFYIAFFKGKFVGYPGDPVYLLGKYRSEECDPGGCLLELTTQLTIIMGGKAIWNNIQEVLLPWVMNLIGRYKRV
SGSEKITPRWEQDYHLQPMGKLGLFYEYLEMIIQFGFVTLFVASFPLAPLLALVNNILEIRVDAWKLTTQFRRMVPEKAQ
DIGAWQPIMQGIAILAVVTNAMIIAFTSDMIPRLVYYWSFSIPPYGDHTYYTMDGYINNTLSVFNITDFKNTDKENPYIG
LGNYTLCRYRDFRNPPGHPQEYKHNIYYWHVIAAKLAFIIVMEHIIYSVKFFISYAIPDVSKITKSKIKREKYLTQKLLH
ESHLKDLTKNMGIIAERIGGTVDNSVRPKLE
;
_entity_poly.pdbx_strand_id   A,B
#
loop_
_chem_comp.id
_chem_comp.type
_chem_comp.name
_chem_comp.formula
CA non-polymer 'CALCIUM ION' 'Ca 2'
P1O non-polymer 1,2-DIDECANOYL-SN-GLYCERO-3-PHOSPHOCHOLINE 'C28 H57 N O8 P 1'
#
# COMPACT_ATOMS: atom_id res chain seq x y z
N GLN A 94 31.05 -39.12 -27.21
CA GLN A 94 30.24 -38.27 -28.06
C GLN A 94 28.98 -39.01 -28.51
N LYS A 95 29.13 -39.81 -29.57
CA LYS A 95 28.01 -40.60 -30.06
C LYS A 95 27.66 -41.73 -29.10
N ARG A 96 28.61 -42.14 -28.26
CA ARG A 96 28.34 -43.18 -27.28
C ARG A 96 27.36 -42.70 -26.22
N LYS A 97 27.45 -41.43 -25.83
CA LYS A 97 26.52 -40.87 -24.84
C LYS A 97 25.11 -40.80 -25.40
N ARG A 98 24.98 -40.41 -26.67
CA ARG A 98 23.67 -40.35 -27.29
C ARG A 98 23.09 -41.74 -27.50
N GLN A 99 23.94 -42.71 -27.85
CA GLN A 99 23.47 -44.09 -28.02
C GLN A 99 23.03 -44.69 -26.69
N ALA A 100 23.76 -44.38 -25.61
CA ALA A 100 23.38 -44.91 -24.29
C ALA A 100 22.12 -44.23 -23.77
N TYR A 101 21.95 -42.94 -24.05
CA TYR A 101 20.73 -42.25 -23.66
C TYR A 101 19.53 -42.77 -24.46
N GLU A 102 19.74 -43.11 -25.73
CA GLU A 102 18.66 -43.68 -26.53
C GLU A 102 18.32 -45.09 -26.08
N SER A 103 19.32 -45.86 -25.64
CA SER A 103 19.06 -47.18 -25.10
C SER A 103 18.35 -47.10 -23.77
N ASN A 104 18.63 -46.07 -22.97
CA ASN A 104 17.87 -45.86 -21.74
C ASN A 104 16.45 -45.42 -22.05
N LEU A 105 16.27 -44.66 -23.13
CA LEU A 105 14.93 -44.21 -23.51
C LEU A 105 14.09 -45.35 -24.07
N ILE A 106 14.72 -46.29 -24.77
CA ILE A 106 14.01 -47.48 -25.22
C ILE A 106 13.67 -48.37 -24.02
N CYS A 107 14.48 -48.30 -22.96
CA CYS A 107 14.20 -49.00 -21.72
C CYS A 107 13.08 -48.30 -20.96
N THR A 115 15.03 -42.75 -38.27
CA THR A 115 15.05 -42.41 -39.69
C THR A 115 15.86 -41.15 -39.95
N ARG A 116 16.56 -41.12 -41.07
CA ARG A 116 17.32 -39.95 -41.47
C ARG A 116 16.43 -39.00 -42.26
N SER A 117 16.95 -37.81 -42.50
CA SER A 117 16.23 -36.84 -43.31
C SER A 117 16.49 -37.09 -44.80
N VAL A 118 15.45 -36.94 -45.60
CA VAL A 118 15.59 -37.13 -47.05
C VAL A 118 16.34 -35.97 -47.67
N SER A 119 16.24 -34.78 -47.08
CA SER A 119 16.92 -33.62 -47.63
C SER A 119 18.38 -33.54 -47.17
N ASP A 120 18.66 -33.94 -45.94
CA ASP A 120 20.02 -33.90 -45.39
C ASP A 120 20.38 -35.29 -44.88
N ASP A 121 21.42 -35.88 -45.46
CA ASP A 121 21.82 -37.22 -45.07
C ASP A 121 22.52 -37.26 -43.71
N LYS A 122 23.06 -36.13 -43.26
CA LYS A 122 23.80 -36.12 -42.00
C LYS A 122 22.88 -36.14 -40.79
N LEU A 123 21.64 -35.68 -40.94
CA LEU A 123 20.72 -35.56 -39.82
C LEU A 123 19.75 -36.74 -39.77
N VAL A 124 19.55 -37.28 -38.58
CA VAL A 124 18.63 -38.38 -38.35
C VAL A 124 17.70 -38.01 -37.20
N PHE A 125 16.41 -38.23 -37.38
CA PHE A 125 15.41 -37.88 -36.39
C PHE A 125 14.66 -39.14 -35.99
N VAL A 126 14.60 -39.42 -34.69
CA VAL A 126 13.96 -40.61 -34.16
C VAL A 126 12.57 -40.24 -33.66
N LYS A 127 11.57 -41.01 -34.06
CA LYS A 127 10.23 -40.81 -33.54
C LYS A 127 10.14 -41.29 -32.09
N VAL A 128 9.35 -40.59 -31.29
CA VAL A 128 9.24 -40.85 -29.86
C VAL A 128 7.76 -40.94 -29.51
N HIS A 129 7.32 -42.14 -29.15
CA HIS A 129 5.95 -42.39 -28.73
C HIS A 129 5.96 -43.21 -27.44
N ALA A 130 4.85 -43.14 -26.71
CA ALA A 130 4.79 -43.89 -25.47
C ALA A 130 3.73 -44.98 -25.54
N PRO A 131 3.98 -46.15 -24.96
CA PRO A 131 2.94 -47.17 -24.87
C PRO A 131 1.90 -46.79 -23.83
N TRP A 132 0.80 -47.56 -23.82
CA TRP A 132 -0.34 -47.22 -22.97
C TRP A 132 -0.02 -47.40 -21.50
N GLU A 133 0.69 -48.47 -21.16
CA GLU A 133 1.05 -48.72 -19.76
C GLU A 133 2.10 -47.73 -19.27
N VAL A 134 3.05 -47.35 -20.14
CA VAL A 134 4.05 -46.37 -19.75
C VAL A 134 3.43 -44.99 -19.62
N LEU A 135 2.42 -44.69 -20.45
CA LEU A 135 1.70 -43.43 -20.32
C LEU A 135 0.89 -43.39 -19.03
N CYS A 136 0.26 -44.50 -18.66
CA CYS A 136 -0.44 -44.57 -17.38
C CYS A 136 0.52 -44.49 -16.20
N THR A 137 1.75 -45.00 -16.37
CA THR A 137 2.74 -44.90 -15.29
C THR A 137 3.24 -43.48 -15.11
N TYR A 138 3.54 -42.78 -16.21
CA TYR A 138 3.97 -41.40 -16.10
C TYR A 138 2.82 -40.47 -15.70
N ALA A 139 1.57 -40.87 -15.99
CA ALA A 139 0.39 -40.14 -15.55
C ALA A 139 -0.01 -40.47 -14.12
N GLU A 140 0.54 -41.54 -13.55
CA GLU A 140 0.42 -41.72 -12.11
C GLU A 140 1.53 -41.01 -11.37
N ILE A 141 2.75 -40.96 -11.94
CA ILE A 141 3.84 -40.24 -11.31
C ILE A 141 3.64 -38.74 -11.39
N MET A 142 2.94 -38.27 -12.42
CA MET A 142 2.50 -36.88 -12.54
C MET A 142 0.99 -36.89 -12.61
N HIS A 143 0.34 -36.41 -11.55
CA HIS A 143 -1.08 -36.64 -11.33
C HIS A 143 -1.96 -35.83 -12.29
N ILE A 144 -2.23 -36.40 -13.46
CA ILE A 144 -3.02 -35.71 -14.46
C ILE A 144 -4.50 -35.77 -14.11
N LYS A 145 -5.28 -34.92 -14.76
CA LYS A 145 -6.71 -34.87 -14.55
C LYS A 145 -7.41 -35.94 -15.40
N LEU A 146 -8.66 -36.21 -15.06
CA LEU A 146 -9.50 -37.20 -15.72
C LEU A 146 -10.86 -36.60 -16.00
N PRO A 147 -11.68 -37.29 -16.81
CA PRO A 147 -13.01 -36.78 -17.15
C PRO A 147 -14.02 -36.94 -16.02
N SER A 202 -5.58 -41.82 -27.27
CA SER A 202 -6.83 -41.18 -27.63
C SER A 202 -7.48 -40.56 -26.40
N PHE A 203 -7.25 -41.19 -25.25
CA PHE A 203 -7.78 -40.65 -24.00
C PHE A 203 -6.88 -39.55 -23.44
N PHE A 204 -5.57 -39.68 -23.63
CA PHE A 204 -4.64 -38.63 -23.24
C PHE A 204 -4.58 -37.60 -24.35
N ASN A 205 -4.75 -36.33 -23.99
CA ASN A 205 -4.74 -35.26 -24.97
C ASN A 205 -3.35 -35.07 -25.53
N PRO A 206 -3.24 -34.44 -26.71
CA PRO A 206 -1.92 -34.31 -27.34
C PRO A 206 -0.99 -33.35 -26.62
N ALA A 207 -1.55 -32.31 -26.00
CA ALA A 207 -0.74 -31.48 -25.11
C ALA A 207 -0.33 -32.26 -23.86
N THR A 208 -1.25 -33.06 -23.33
CA THR A 208 -0.95 -33.89 -22.17
C THR A 208 0.05 -34.98 -22.52
N ARG A 209 -0.08 -35.58 -23.71
CA ARG A 209 0.88 -36.60 -24.15
C ARG A 209 2.25 -35.99 -24.38
N SER A 210 2.31 -34.82 -25.00
CA SER A 210 3.59 -34.15 -25.23
C SER A 210 4.22 -33.65 -23.94
N ARG A 211 3.44 -33.36 -22.90
CA ARG A 211 4.04 -32.99 -21.63
C ARG A 211 4.51 -34.21 -20.84
N ILE A 212 3.74 -35.30 -20.87
CA ILE A 212 4.08 -36.49 -20.10
C ILE A 212 5.28 -37.21 -20.71
N VAL A 213 5.40 -37.19 -22.04
CA VAL A 213 6.61 -37.70 -22.68
C VAL A 213 7.79 -36.80 -22.34
N TYR A 214 7.57 -35.49 -22.30
CA TYR A 214 8.59 -34.58 -21.82
C TYR A 214 8.69 -34.69 -20.30
N ARG A 235 19.11 -29.99 -22.18
CA ARG A 235 20.42 -29.72 -21.59
C ARG A 235 21.51 -30.47 -22.33
N LEU A 236 21.20 -31.70 -22.75
CA LEU A 236 22.13 -32.45 -23.58
C LEU A 236 22.25 -31.84 -24.96
N VAL A 237 21.18 -31.21 -25.45
CA VAL A 237 21.24 -30.46 -26.70
C VAL A 237 21.89 -29.10 -26.50
N SER A 238 22.01 -28.64 -25.25
CA SER A 238 22.69 -27.36 -25.02
C SER A 238 24.19 -27.47 -25.25
N SER A 239 24.77 -28.64 -24.99
CA SER A 239 26.19 -28.83 -25.27
C SER A 239 26.44 -29.06 -26.75
N GLY A 240 25.42 -29.46 -27.50
CA GLY A 240 25.54 -29.66 -28.92
C GLY A 240 25.55 -31.10 -29.37
N ILE A 241 25.29 -32.05 -28.47
CA ILE A 241 25.30 -33.47 -28.86
C ILE A 241 24.06 -33.79 -29.68
N TYR A 242 22.89 -33.48 -29.16
CA TYR A 242 21.64 -33.67 -29.88
C TYR A 242 21.36 -32.45 -30.73
N LYS A 243 20.95 -32.68 -31.97
CA LYS A 243 20.67 -31.58 -32.89
C LYS A 243 19.40 -30.85 -32.48
N ALA A 244 18.28 -31.55 -32.48
CA ALA A 244 17.01 -30.93 -32.10
C ALA A 244 16.06 -31.98 -31.57
N ALA A 245 15.31 -31.60 -30.54
CA ALA A 245 14.27 -32.43 -29.96
C ALA A 245 13.02 -31.58 -29.81
N PHE A 246 11.89 -32.09 -30.27
CA PHE A 246 10.69 -31.27 -30.40
C PHE A 246 9.48 -32.18 -30.45
N PRO A 247 8.29 -31.64 -30.23
CA PRO A 247 7.06 -32.34 -30.64
C PRO A 247 6.85 -32.12 -32.13
N LEU A 248 5.74 -32.65 -32.63
CA LEU A 248 5.38 -32.46 -34.03
C LEU A 248 4.05 -31.75 -34.10
N HIS A 249 3.89 -30.90 -35.11
CA HIS A 249 2.61 -30.26 -35.36
C HIS A 249 1.62 -31.26 -35.93
N ASP A 250 0.33 -30.93 -35.79
CA ASP A 250 -0.71 -31.85 -36.25
C ASP A 250 -0.87 -31.79 -37.76
N CYS A 251 -0.90 -30.60 -38.34
CA CYS A 251 -1.10 -30.48 -39.77
C CYS A 251 -0.49 -29.18 -40.26
N ARG A 252 -0.32 -29.07 -41.57
CA ARG A 252 0.06 -27.80 -42.17
C ARG A 252 -1.10 -26.82 -42.04
N PHE A 253 -0.77 -25.55 -41.87
CA PHE A 253 -1.84 -24.57 -41.70
C PHE A 253 -2.50 -24.22 -43.02
N ASN A 254 -1.75 -24.23 -44.13
CA ASN A 254 -2.29 -23.78 -45.40
C ASN A 254 -3.31 -24.77 -45.97
N TYR A 255 -3.22 -26.04 -45.61
CA TYR A 255 -4.20 -27.01 -46.09
C TYR A 255 -4.41 -28.11 -45.06
N GLU A 256 -5.64 -28.59 -45.00
CA GLU A 256 -6.05 -29.60 -44.03
C GLU A 256 -5.36 -30.93 -44.30
N SER A 257 -5.00 -31.63 -43.23
CA SER A 257 -4.44 -32.97 -43.36
C SER A 257 -5.50 -33.98 -43.77
N SER A 264 -7.20 -32.74 -37.58
CA SER A 264 -6.63 -31.57 -38.25
C SER A 264 -6.94 -30.31 -37.44
N GLU A 265 -6.28 -30.18 -36.31
CA GLU A 265 -6.57 -29.13 -35.35
C GLU A 265 -5.90 -27.81 -35.67
N ARG A 266 -4.63 -27.87 -36.09
CA ARG A 266 -3.88 -26.66 -36.39
C ARG A 266 -4.49 -25.90 -37.55
N TYR A 267 -4.95 -26.64 -38.56
CA TYR A 267 -5.67 -26.05 -39.68
C TYR A 267 -6.96 -25.38 -39.22
N LEU A 268 -7.62 -25.96 -38.23
CA LEU A 268 -8.90 -25.43 -37.76
C LEU A 268 -8.70 -24.11 -37.02
N LEU A 269 -7.86 -24.09 -35.99
CA LEU A 269 -7.72 -22.83 -35.29
C LEU A 269 -6.81 -21.86 -36.02
N TYR A 270 -6.17 -22.27 -37.12
CA TYR A 270 -5.61 -21.28 -38.01
C TYR A 270 -6.69 -20.68 -38.89
N ARG A 271 -7.65 -21.49 -39.32
CA ARG A 271 -8.67 -21.01 -40.26
C ARG A 271 -9.66 -20.08 -39.58
N GLU A 272 -9.98 -20.32 -38.31
CA GLU A 272 -10.99 -19.52 -37.65
C GLU A 272 -10.48 -18.65 -36.51
N TRP A 273 -9.23 -18.78 -36.10
CA TRP A 273 -8.73 -17.89 -35.07
C TRP A 273 -7.45 -17.17 -35.47
N ALA A 274 -6.45 -17.92 -35.94
CA ALA A 274 -5.14 -17.37 -36.15
C ALA A 274 -5.01 -16.59 -37.45
N HIS A 275 -5.96 -16.74 -38.36
CA HIS A 275 -5.91 -15.98 -39.60
C HIS A 275 -6.29 -14.53 -39.31
N PRO A 276 -5.68 -13.56 -40.01
CA PRO A 276 -6.13 -12.17 -39.88
C PRO A 276 -7.51 -11.92 -40.44
N ARG A 277 -8.04 -12.80 -41.29
CA ARG A 277 -9.42 -12.68 -41.74
C ARG A 277 -10.40 -12.98 -40.63
N SER A 278 -10.00 -13.75 -39.63
CA SER A 278 -10.81 -13.98 -38.43
C SER A 278 -10.37 -13.08 -37.29
N ILE A 279 -10.37 -11.77 -37.58
CA ILE A 279 -9.95 -10.81 -36.58
C ILE A 279 -11.07 -10.55 -35.57
N TYR A 280 -12.32 -10.74 -35.97
CA TYR A 280 -13.46 -10.38 -35.13
C TYR A 280 -13.96 -11.52 -34.24
N LYS A 281 -13.61 -12.76 -34.55
CA LYS A 281 -14.17 -13.89 -33.83
C LYS A 281 -13.62 -13.97 -32.41
N LYS A 282 -14.33 -14.70 -31.57
CA LYS A 282 -13.86 -14.95 -30.21
C LYS A 282 -12.71 -15.95 -30.24
N GLN A 283 -11.92 -15.93 -29.19
CA GLN A 283 -10.77 -16.82 -29.12
C GLN A 283 -11.21 -18.18 -28.63
N PRO A 284 -10.82 -19.24 -29.30
CA PRO A 284 -11.06 -20.61 -28.79
C PRO A 284 -10.04 -20.96 -27.70
N LEU A 285 -10.35 -20.51 -26.48
CA LEU A 285 -9.40 -20.63 -25.39
C LEU A 285 -9.29 -22.07 -24.90
N ASP A 286 -10.39 -22.82 -24.94
CA ASP A 286 -10.29 -24.24 -24.65
C ASP A 286 -9.52 -24.97 -25.74
N LEU A 287 -9.70 -24.54 -26.99
CA LEU A 287 -8.92 -25.13 -28.06
C LEU A 287 -7.46 -24.70 -28.00
N ILE A 288 -7.18 -23.49 -27.50
CA ILE A 288 -5.79 -23.08 -27.44
C ILE A 288 -5.07 -23.74 -26.27
N ARG A 289 -5.78 -24.06 -25.17
CA ARG A 289 -5.14 -24.83 -24.12
C ARG A 289 -5.08 -26.29 -24.49
N LYS A 290 -5.96 -26.72 -25.39
CA LYS A 290 -5.88 -28.07 -25.94
C LYS A 290 -4.66 -28.24 -26.82
N TYR A 291 -4.39 -27.26 -27.67
CA TYR A 291 -3.35 -27.43 -28.67
C TYR A 291 -1.98 -26.97 -28.18
N TYR A 292 -1.93 -25.91 -27.36
CA TYR A 292 -0.65 -25.31 -27.02
C TYR A 292 -0.19 -25.53 -25.60
N GLY A 293 -1.08 -25.45 -24.63
CA GLY A 293 -0.68 -25.59 -23.24
C GLY A 293 -1.08 -24.39 -22.42
N GLU A 294 -1.22 -24.62 -21.11
CA GLU A 294 -1.88 -23.67 -20.24
C GLU A 294 -1.08 -22.41 -19.98
N LYS A 295 0.23 -22.41 -20.22
CA LYS A 295 0.92 -21.14 -20.17
C LYS A 295 0.60 -20.30 -21.39
N ILE A 296 0.55 -20.93 -22.57
CA ILE A 296 0.15 -20.21 -23.77
C ILE A 296 -1.32 -19.85 -23.69
N GLY A 297 -2.13 -20.74 -23.12
CA GLY A 297 -3.54 -20.43 -22.91
C GLY A 297 -3.75 -19.31 -21.92
N ILE A 298 -2.91 -19.23 -20.88
CA ILE A 298 -3.12 -18.17 -19.90
C ILE A 298 -2.56 -16.86 -20.42
N TYR A 299 -1.58 -16.91 -21.32
CA TYR A 299 -1.12 -15.68 -21.95
C TYR A 299 -2.18 -15.15 -22.90
N PHE A 300 -2.83 -16.04 -23.65
CA PHE A 300 -3.82 -15.54 -24.58
C PHE A 300 -5.13 -15.20 -23.90
N ALA A 301 -5.41 -15.83 -22.76
CA ALA A 301 -6.54 -15.43 -21.94
C ALA A 301 -6.31 -14.07 -21.32
N TRP A 302 -5.10 -13.84 -20.80
CA TRP A 302 -4.75 -12.54 -20.26
C TRP A 302 -4.75 -11.48 -21.34
N LEU A 303 -4.34 -11.85 -22.55
CA LEU A 303 -4.29 -10.90 -23.64
C LEU A 303 -5.69 -10.52 -24.11
N GLY A 304 -6.58 -11.51 -24.23
CA GLY A 304 -7.94 -11.22 -24.64
C GLY A 304 -8.72 -10.47 -23.58
N TYR A 305 -8.54 -10.85 -22.31
CA TYR A 305 -9.21 -10.14 -21.23
C TYR A 305 -8.67 -8.73 -21.08
N TYR A 306 -7.37 -8.55 -21.30
CA TYR A 306 -6.78 -7.24 -21.38
C TYR A 306 -7.42 -6.43 -22.48
N THR A 307 -7.71 -7.06 -23.62
CA THR A 307 -8.34 -6.37 -24.72
C THR A 307 -9.78 -5.97 -24.38
N GLN A 308 -10.54 -6.85 -23.74
CA GLN A 308 -11.91 -6.51 -23.37
C GLN A 308 -11.96 -5.44 -22.30
N MET A 309 -11.03 -5.44 -21.35
CA MET A 309 -10.99 -4.35 -20.38
C MET A 309 -10.54 -3.05 -21.01
N LEU A 310 -9.65 -3.14 -21.99
CA LEU A 310 -9.21 -1.95 -22.70
C LEU A 310 -10.31 -1.38 -23.56
N LEU A 311 -11.28 -2.20 -23.96
CA LEU A 311 -12.41 -1.66 -24.70
C LEU A 311 -13.24 -0.72 -23.83
N LEU A 312 -13.47 -1.12 -22.58
CA LEU A 312 -14.18 -0.26 -21.63
C LEU A 312 -13.38 1.01 -21.34
N ALA A 313 -12.08 0.84 -21.06
CA ALA A 313 -11.24 2.01 -20.80
C ALA A 313 -11.08 2.89 -22.03
N ALA A 314 -11.18 2.31 -23.22
CA ALA A 314 -11.04 3.07 -24.45
C ALA A 314 -12.29 3.85 -24.77
N VAL A 315 -13.47 3.29 -24.50
CA VAL A 315 -14.68 4.09 -24.76
C VAL A 315 -14.84 5.18 -23.72
N VAL A 316 -14.37 4.96 -22.48
CA VAL A 316 -14.38 6.08 -21.54
C VAL A 316 -13.32 7.11 -21.92
N GLY A 317 -12.19 6.68 -22.47
CA GLY A 317 -11.20 7.64 -22.94
C GLY A 317 -11.68 8.42 -24.15
N VAL A 318 -12.46 7.79 -25.03
CA VAL A 318 -13.09 8.50 -26.14
C VAL A 318 -14.15 9.48 -25.63
N ALA A 319 -14.83 9.12 -24.54
CA ALA A 319 -15.79 10.03 -23.93
C ALA A 319 -15.11 11.27 -23.36
N CYS A 320 -13.99 11.09 -22.67
CA CYS A 320 -13.26 12.26 -22.17
C CYS A 320 -12.55 13.02 -23.28
N PHE A 321 -12.18 12.34 -24.37
CA PHE A 321 -11.65 13.02 -25.54
C PHE A 321 -12.73 13.88 -26.20
N LEU A 322 -13.97 13.39 -26.22
CA LEU A 322 -15.07 14.20 -26.71
C LEU A 322 -15.42 15.33 -25.75
N TYR A 323 -15.23 15.10 -24.45
CA TYR A 323 -15.40 16.17 -23.47
C TYR A 323 -14.41 17.29 -23.70
N GLY A 324 -13.17 16.93 -24.04
CA GLY A 324 -12.19 17.95 -24.36
C GLY A 324 -12.41 18.58 -25.72
N TYR A 325 -12.91 17.81 -26.68
CA TYR A 325 -13.05 18.35 -28.03
C TYR A 325 -14.27 19.25 -28.16
N LEU A 326 -15.40 18.84 -27.60
CA LEU A 326 -16.62 19.63 -27.76
C LEU A 326 -16.56 20.91 -26.94
N ASP A 327 -15.82 20.93 -25.84
CA ASP A 327 -15.65 22.14 -25.05
C ASP A 327 -14.47 22.97 -25.51
N GLN A 328 -14.03 22.80 -26.76
CA GLN A 328 -12.90 23.60 -27.23
C GLN A 328 -13.26 25.06 -27.42
N ASP A 329 -14.55 25.36 -27.57
CA ASP A 329 -15.00 26.75 -27.61
C ASP A 329 -15.18 27.33 -26.21
N ASN A 330 -15.10 26.51 -25.17
CA ASN A 330 -15.22 26.99 -23.79
C ASN A 330 -13.91 27.03 -23.03
N CYS A 331 -12.82 26.44 -23.56
CA CYS A 331 -11.50 26.58 -22.96
C CYS A 331 -11.06 28.02 -23.18
N THR A 332 -11.18 28.84 -22.13
CA THR A 332 -10.93 30.27 -22.29
C THR A 332 -9.45 30.56 -22.53
N TRP A 333 -8.57 29.74 -21.94
CA TRP A 333 -7.14 29.99 -22.05
C TRP A 333 -6.63 29.73 -23.45
N SER A 334 -7.14 28.69 -24.12
CA SER A 334 -6.69 28.45 -25.48
C SER A 334 -7.24 29.49 -26.44
N LYS A 335 -8.45 29.96 -26.19
CA LYS A 335 -9.01 31.01 -27.03
C LYS A 335 -8.35 32.35 -26.80
N GLU A 336 -7.74 32.58 -25.63
CA GLU A 336 -7.02 33.82 -25.43
C GLU A 336 -5.53 33.70 -25.68
N VAL A 337 -4.98 32.50 -25.85
CA VAL A 337 -3.64 32.44 -26.41
C VAL A 337 -3.71 32.40 -27.93
N CYS A 338 -4.84 31.99 -28.50
CA CYS A 338 -4.99 32.03 -29.95
C CYS A 338 -5.41 33.41 -30.43
N ASP A 339 -6.08 34.19 -29.58
CA ASP A 339 -6.33 35.58 -29.89
C ASP A 339 -5.01 36.36 -29.86
N PRO A 340 -4.79 37.27 -30.82
CA PRO A 340 -3.52 38.00 -30.84
C PRO A 340 -3.35 38.98 -29.69
N ASP A 341 -4.43 39.51 -29.13
CA ASP A 341 -4.30 40.54 -28.10
C ASP A 341 -3.83 39.95 -26.78
N ILE A 342 -4.46 38.87 -26.32
CA ILE A 342 -4.03 38.33 -25.04
C ILE A 342 -2.84 37.38 -25.21
N GLY A 343 -2.87 36.53 -26.23
CA GLY A 343 -1.78 35.60 -26.46
C GLY A 343 -0.57 36.19 -27.18
N GLY A 344 -0.81 36.97 -28.24
CA GLY A 344 0.31 37.47 -29.02
C GLY A 344 1.09 38.58 -28.35
N GLN A 345 0.51 39.25 -27.35
CA GLN A 345 1.21 40.34 -26.69
C GLN A 345 2.04 39.88 -25.51
N ILE A 346 2.52 38.65 -25.52
CA ILE A 346 3.31 38.13 -24.42
C ILE A 346 4.80 38.44 -24.60
N LEU A 347 5.36 38.03 -25.74
CA LEU A 347 6.77 38.21 -26.09
C LEU A 347 7.69 37.54 -25.07
N MET A 348 7.47 36.24 -24.86
CA MET A 348 8.08 35.57 -23.72
C MET A 348 9.54 35.25 -23.98
N CYS A 349 10.24 34.92 -22.89
CA CYS A 349 11.70 34.82 -22.86
C CYS A 349 12.19 33.61 -23.65
N PRO A 350 13.42 33.69 -24.17
CA PRO A 350 14.00 32.52 -24.85
C PRO A 350 14.40 31.44 -23.86
N GLN A 351 14.25 30.18 -24.29
CA GLN A 351 14.65 29.04 -23.49
C GLN A 351 16.05 28.55 -23.83
N CYS A 352 16.89 29.42 -24.40
CA CYS A 352 18.03 28.97 -25.18
C CYS A 352 19.08 30.07 -25.14
N ASP A 353 20.36 29.66 -25.15
CA ASP A 353 21.43 30.63 -24.93
C ASP A 353 21.78 31.41 -26.19
N ARG A 354 22.23 30.73 -27.24
CA ARG A 354 22.44 31.41 -28.51
C ARG A 354 21.09 31.61 -29.17
N LEU A 355 20.97 32.68 -29.95
CA LEU A 355 19.86 33.64 -29.89
C LEU A 355 18.51 33.08 -29.49
N CYS A 356 17.99 32.12 -30.28
CA CYS A 356 16.74 31.40 -30.04
C CYS A 356 15.60 32.34 -29.66
N PRO A 357 15.33 33.37 -30.47
CA PRO A 357 14.93 34.68 -29.93
C PRO A 357 13.57 34.69 -29.27
N PHE A 358 13.36 35.71 -28.44
CA PHE A 358 12.11 35.84 -27.70
C PHE A 358 10.96 36.11 -28.66
N TRP A 359 9.81 35.53 -28.35
CA TRP A 359 8.78 35.29 -29.34
C TRP A 359 7.39 35.59 -28.80
N ARG A 360 6.54 36.13 -29.68
CA ARG A 360 5.12 36.23 -29.40
C ARG A 360 4.55 34.83 -29.20
N LEU A 361 3.63 34.71 -28.25
CA LEU A 361 3.20 33.39 -27.79
C LEU A 361 2.17 32.73 -28.69
N ASN A 362 1.53 33.47 -29.60
CA ASN A 362 0.43 32.91 -30.39
C ASN A 362 0.87 31.79 -31.33
N ILE A 363 2.17 31.63 -31.54
CA ILE A 363 2.68 30.51 -32.33
C ILE A 363 2.53 29.18 -31.62
N THR A 364 2.28 29.15 -30.32
CA THR A 364 1.95 27.87 -29.69
C THR A 364 0.46 27.62 -29.69
N CYS A 365 -0.32 28.53 -30.29
CA CYS A 365 -1.78 28.45 -30.36
C CYS A 365 -2.25 27.16 -31.00
N GLU A 366 -1.67 26.79 -32.14
CA GLU A 366 -2.05 25.54 -32.79
C GLU A 366 -1.57 24.33 -32.00
N SER A 367 -0.56 24.51 -31.16
CA SER A 367 -0.22 23.49 -30.18
C SER A 367 -1.08 23.61 -28.93
N SER A 368 -1.57 24.81 -28.61
CA SER A 368 -2.37 24.98 -27.42
C SER A 368 -3.81 24.52 -27.63
N LYS A 369 -4.30 24.58 -28.87
CA LYS A 369 -5.68 24.21 -29.18
C LYS A 369 -5.96 22.76 -28.80
N LYS A 370 -5.12 21.85 -29.30
CA LYS A 370 -5.21 20.46 -28.89
C LYS A 370 -4.84 20.28 -27.42
N LEU A 371 -4.14 21.24 -26.82
CA LEU A 371 -3.88 21.17 -25.39
C LEU A 371 -5.16 21.33 -24.58
N CYS A 372 -6.16 22.03 -25.12
CA CYS A 372 -7.49 22.06 -24.49
C CYS A 372 -8.11 20.66 -24.44
N ILE A 373 -7.73 19.78 -25.36
CA ILE A 373 -8.11 18.39 -25.23
C ILE A 373 -7.35 17.72 -24.09
N PHE A 374 -6.05 17.94 -24.01
CA PHE A 374 -5.20 16.99 -23.32
C PHE A 374 -5.12 17.22 -21.81
N ASP A 375 -5.29 18.45 -21.34
CA ASP A 375 -5.50 18.68 -19.91
C ASP A 375 -6.74 19.57 -19.74
N SER A 376 -7.90 18.91 -19.73
CA SER A 376 -9.15 19.53 -19.33
C SER A 376 -9.68 18.70 -18.17
N PHE A 377 -10.90 18.98 -17.71
CA PHE A 377 -11.47 18.18 -16.63
C PHE A 377 -11.77 16.76 -17.05
N GLY A 378 -11.92 16.53 -18.36
CA GLY A 378 -12.21 15.20 -18.86
C GLY A 378 -11.09 14.21 -18.61
N THR A 379 -9.83 14.65 -18.82
CA THR A 379 -8.73 13.73 -18.55
C THR A 379 -8.49 13.54 -17.05
N LEU A 380 -8.92 14.50 -16.22
CA LEU A 380 -8.82 14.31 -14.78
C LEU A 380 -9.82 13.26 -14.32
N ILE A 381 -11.05 13.35 -14.82
CA ILE A 381 -12.06 12.32 -14.57
C ILE A 381 -11.60 10.99 -15.15
N PHE A 382 -10.88 11.01 -16.26
CA PHE A 382 -10.36 9.77 -16.82
C PHE A 382 -9.27 9.16 -15.95
N ALA A 383 -8.41 9.99 -15.36
CA ALA A 383 -7.35 9.45 -14.52
C ALA A 383 -7.88 8.86 -13.23
N VAL A 384 -8.82 9.58 -12.60
CA VAL A 384 -9.48 9.06 -11.41
C VAL A 384 -10.29 7.82 -11.76
N PHE A 385 -10.85 7.76 -12.98
CA PHE A 385 -11.49 6.55 -13.45
C PHE A 385 -10.48 5.43 -13.66
N MET A 386 -9.29 5.76 -14.15
CA MET A 386 -8.35 4.75 -14.58
C MET A 386 -7.73 4.04 -13.40
N GLY A 387 -7.59 4.73 -12.26
CA GLY A 387 -7.21 4.03 -11.04
C GLY A 387 -8.19 2.94 -10.68
N VAL A 388 -9.49 3.26 -10.77
CA VAL A 388 -10.55 2.28 -10.53
C VAL A 388 -10.52 1.19 -11.58
N TRP A 389 -10.19 1.55 -12.82
CA TRP A 389 -10.21 0.58 -13.90
C TRP A 389 -9.06 -0.41 -13.77
N VAL A 390 -7.89 0.07 -13.36
CA VAL A 390 -6.77 -0.83 -13.07
C VAL A 390 -7.14 -1.77 -11.94
N THR A 391 -7.84 -1.24 -10.94
CA THR A 391 -8.25 -2.07 -9.81
C THR A 391 -9.23 -3.15 -10.24
N LEU A 392 -10.20 -2.79 -11.08
CA LEU A 392 -11.17 -3.75 -11.58
C LEU A 392 -10.51 -4.77 -12.49
N PHE A 393 -9.54 -4.31 -13.30
CA PHE A 393 -8.75 -5.17 -14.16
C PHE A 393 -8.04 -6.23 -13.35
N LEU A 394 -7.41 -5.81 -12.25
CA LEU A 394 -6.66 -6.73 -11.42
C LEU A 394 -7.58 -7.68 -10.67
N GLU A 395 -8.68 -7.19 -10.11
CA GLU A 395 -9.55 -8.07 -9.33
C GLU A 395 -10.30 -9.06 -10.21
N PHE A 396 -10.85 -8.62 -11.34
CA PHE A 396 -11.52 -9.57 -12.20
C PHE A 396 -10.53 -10.47 -12.92
N TRP A 397 -9.26 -10.06 -13.06
CA TRP A 397 -8.29 -11.02 -13.54
C TRP A 397 -7.91 -12.02 -12.46
N LYS A 398 -7.97 -11.63 -11.20
CA LYS A 398 -7.82 -12.61 -10.13
C LYS A 398 -8.97 -13.61 -10.16
N ARG A 399 -10.18 -13.13 -10.44
CA ARG A 399 -11.33 -14.03 -10.59
C ARG A 399 -11.17 -14.96 -11.79
N ARG A 400 -10.65 -14.42 -12.90
CA ARG A 400 -10.47 -15.23 -14.10
C ARG A 400 -9.33 -16.23 -13.93
N GLN A 401 -8.31 -15.89 -13.14
CA GLN A 401 -7.27 -16.85 -12.80
C GLN A 401 -7.81 -17.91 -11.86
N ALA A 402 -8.75 -17.53 -11.00
CA ALA A 402 -9.39 -18.51 -10.13
C ALA A 402 -10.25 -19.48 -10.92
N GLU A 403 -10.92 -18.98 -11.97
CA GLU A 403 -11.74 -19.86 -12.79
C GLU A 403 -10.89 -20.77 -13.66
N LEU A 404 -9.82 -20.24 -14.23
CA LEU A 404 -9.02 -20.95 -15.22
C LEU A 404 -7.93 -21.82 -14.60
N GLU A 405 -8.08 -22.22 -13.34
CA GLU A 405 -7.06 -23.06 -12.71
C GLU A 405 -7.05 -24.48 -13.28
N PHE A 461 25.24 -7.16 -7.79
CA PHE A 461 25.21 -5.80 -7.29
C PHE A 461 25.75 -4.81 -8.31
N PHE A 462 26.59 -5.34 -9.21
CA PHE A 462 27.12 -4.55 -10.31
C PHE A 462 26.01 -4.13 -11.27
N TRP A 463 24.96 -4.94 -11.38
CA TRP A 463 23.87 -4.66 -12.29
C TRP A 463 23.03 -3.48 -11.82
N ILE A 464 22.96 -3.23 -10.51
CA ILE A 464 22.23 -2.06 -10.03
C ILE A 464 22.98 -0.78 -10.38
N LEU A 465 24.31 -0.82 -10.27
CA LEU A 465 25.12 0.31 -10.70
C LEU A 465 25.01 0.52 -12.21
N LEU A 466 24.87 -0.58 -12.96
CA LEU A 466 24.62 -0.48 -14.37
C LEU A 466 23.24 0.12 -14.68
N ILE A 467 22.24 -0.19 -13.84
CA ILE A 467 20.92 0.40 -13.99
C ILE A 467 20.97 1.90 -13.74
N ILE A 468 21.76 2.33 -12.78
CA ILE A 468 21.91 3.77 -12.53
C ILE A 468 22.63 4.45 -13.69
N ALA A 469 23.64 3.77 -14.25
CA ALA A 469 24.30 4.28 -15.46
C ALA A 469 23.33 4.36 -16.63
N SER A 470 22.40 3.41 -16.72
CA SER A 470 21.37 3.46 -17.74
C SER A 470 20.41 4.62 -17.52
N VAL A 471 20.04 4.86 -16.26
CA VAL A 471 19.17 5.97 -15.90
C VAL A 471 19.76 7.28 -16.36
N ILE A 472 21.06 7.46 -16.15
CA ILE A 472 21.72 8.66 -16.64
C ILE A 472 21.82 8.65 -18.17
N GLY A 473 22.02 7.47 -18.75
CA GLY A 473 22.28 7.38 -20.18
C GLY A 473 21.08 7.74 -21.04
N ILE A 474 19.89 7.28 -20.66
CA ILE A 474 18.72 7.57 -21.48
C ILE A 474 18.37 9.04 -21.41
N ILE A 475 18.57 9.67 -20.24
CA ILE A 475 18.28 11.09 -20.13
C ILE A 475 19.27 11.91 -20.93
N VAL A 476 20.56 11.52 -20.90
CA VAL A 476 21.54 12.33 -21.61
C VAL A 476 21.41 12.13 -23.12
N TYR A 477 21.00 10.95 -23.59
CA TYR A 477 20.78 10.93 -25.03
C TYR A 477 19.43 11.47 -25.43
N ARG A 478 18.46 11.55 -24.52
CA ARG A 478 17.26 12.33 -24.82
C ARG A 478 17.64 13.79 -25.04
N LEU A 479 18.54 14.31 -24.21
CA LEU A 479 19.07 15.64 -24.43
C LEU A 479 19.83 15.73 -25.74
N SER A 480 20.59 14.69 -26.09
CA SER A 480 21.42 14.74 -27.29
C SER A 480 20.55 14.69 -28.55
N VAL A 481 19.49 13.88 -28.53
CA VAL A 481 18.62 13.83 -29.72
C VAL A 481 17.81 15.10 -29.84
N PHE A 482 17.49 15.76 -28.73
CA PHE A 482 16.84 17.06 -28.85
C PHE A 482 17.80 18.12 -29.39
N ILE A 483 19.08 18.03 -29.01
CA ILE A 483 20.07 18.98 -29.52
C ILE A 483 20.34 18.74 -31.00
N VAL A 484 20.51 17.48 -31.42
CA VAL A 484 20.81 17.21 -32.82
C VAL A 484 19.57 17.39 -33.68
N PHE A 485 18.38 17.42 -33.08
CA PHE A 485 17.35 18.05 -33.88
C PHE A 485 17.51 19.55 -33.95
N SER A 486 17.88 20.21 -32.84
CA SER A 486 17.83 21.66 -32.74
C SER A 486 18.80 22.37 -33.67
N THR A 487 19.82 21.67 -34.15
CA THR A 487 20.73 22.23 -35.14
C THR A 487 20.33 21.80 -36.55
N LEU A 503 1.03 23.78 -35.47
CA LEU A 503 1.32 22.37 -35.73
C LEU A 503 2.78 22.17 -36.11
N THR A 504 3.06 22.44 -37.40
CA THR A 504 4.27 22.10 -38.17
C THR A 504 5.62 22.25 -37.43
N PRO A 505 5.99 23.39 -36.81
CA PRO A 505 7.33 23.41 -36.18
C PRO A 505 7.43 22.59 -34.91
N GLN A 506 6.47 22.73 -34.00
CA GLN A 506 6.49 21.99 -32.75
C GLN A 506 6.22 20.51 -32.96
N MET A 507 5.28 20.19 -33.87
CA MET A 507 5.02 18.79 -34.17
C MET A 507 6.20 18.16 -34.90
N ALA A 508 6.85 18.90 -35.79
CA ALA A 508 8.04 18.37 -36.47
C ALA A 508 9.15 18.08 -35.48
N THR A 509 9.38 19.02 -34.55
CA THR A 509 10.33 18.85 -33.45
C THR A 509 10.04 17.61 -32.62
N SER A 510 8.81 17.51 -32.10
CA SER A 510 8.45 16.44 -31.19
C SER A 510 8.47 15.08 -31.88
N ILE A 511 7.89 14.99 -33.08
CA ILE A 511 7.84 13.73 -33.79
C ILE A 511 9.24 13.30 -34.23
N THR A 512 10.07 14.23 -34.71
CA THR A 512 11.38 13.85 -35.20
C THR A 512 12.31 13.41 -34.07
N ALA A 513 12.33 14.18 -32.98
CA ALA A 513 13.15 13.81 -31.82
C ALA A 513 12.65 12.53 -31.18
N SER A 514 11.33 12.35 -31.13
CA SER A 514 10.76 11.14 -30.57
C SER A 514 11.10 9.92 -31.43
N ILE A 515 11.14 10.09 -32.75
CA ILE A 515 11.47 8.99 -33.64
C ILE A 515 12.93 8.58 -33.50
N ILE A 516 13.85 9.56 -33.51
CA ILE A 516 15.27 9.21 -33.44
C ILE A 516 15.63 8.67 -32.07
N SER A 517 15.01 9.20 -31.01
CA SER A 517 15.23 8.65 -29.69
C SER A 517 14.66 7.25 -29.58
N PHE A 518 13.50 7.01 -30.20
CA PHE A 518 12.89 5.69 -30.19
C PHE A 518 13.73 4.66 -30.92
N ILE A 519 14.42 5.09 -31.99
CA ILE A 519 15.36 4.20 -32.67
C ILE A 519 16.50 3.81 -31.72
N ILE A 520 17.01 4.78 -30.97
CA ILE A 520 18.07 4.48 -30.00
C ILE A 520 17.52 3.59 -28.88
N ILE A 521 16.24 3.80 -28.52
CA ILE A 521 15.55 2.98 -27.51
C ILE A 521 15.52 1.53 -27.94
N MET A 522 15.22 1.27 -29.20
CA MET A 522 15.10 -0.10 -29.68
C MET A 522 16.46 -0.79 -29.74
N ILE A 523 17.49 -0.11 -30.26
CA ILE A 523 18.78 -0.78 -30.36
C ILE A 523 19.41 -0.96 -28.97
N LEU A 524 19.20 0.00 -28.08
CA LEU A 524 19.62 -0.13 -26.70
C LEU A 524 18.80 -1.15 -25.95
N ASN A 525 17.57 -1.42 -26.40
CA ASN A 525 16.78 -2.52 -25.85
C ASN A 525 17.40 -3.86 -26.18
N THR A 526 17.85 -4.02 -27.44
CA THR A 526 18.55 -5.26 -27.80
C THR A 526 19.84 -5.40 -27.00
N ILE A 527 20.56 -4.29 -26.82
CA ILE A 527 21.74 -4.26 -25.97
C ILE A 527 21.40 -4.69 -24.55
N TYR A 528 20.29 -4.17 -24.00
CA TYR A 528 19.93 -4.45 -22.61
C TYR A 528 19.49 -5.88 -22.42
N GLU A 529 18.79 -6.45 -23.43
CA GLU A 529 18.56 -7.89 -23.49
C GLU A 529 19.85 -8.66 -23.31
N LYS A 530 20.87 -8.28 -24.09
CA LYS A 530 22.12 -9.05 -24.05
C LYS A 530 22.87 -8.85 -22.74
N VAL A 531 22.91 -7.64 -22.19
CA VAL A 531 23.75 -7.47 -21.00
C VAL A 531 23.02 -8.05 -19.80
N ALA A 532 21.68 -8.02 -19.81
CA ALA A 532 20.95 -8.63 -18.71
C ALA A 532 21.02 -10.15 -18.77
N ILE A 533 21.04 -10.72 -19.97
CA ILE A 533 21.18 -12.18 -20.04
C ILE A 533 22.61 -12.59 -19.67
N MET A 534 23.61 -11.74 -19.96
CA MET A 534 24.97 -12.04 -19.51
C MET A 534 25.11 -11.90 -18.00
N ILE A 535 24.39 -10.94 -17.40
CA ILE A 535 24.45 -10.73 -15.97
C ILE A 535 23.80 -11.89 -15.24
N THR A 536 22.61 -12.30 -15.69
CA THR A 536 21.97 -13.44 -15.03
C THR A 536 22.60 -14.77 -15.41
N ASN A 537 23.47 -14.81 -16.43
CA ASN A 537 24.27 -15.99 -16.64
C ASN A 537 25.56 -15.98 -15.83
N PHE A 538 26.04 -14.79 -15.45
CA PHE A 538 27.19 -14.70 -14.56
C PHE A 538 26.83 -15.21 -13.16
N GLU A 539 25.66 -14.85 -12.68
CA GLU A 539 25.09 -15.54 -11.53
C GLU A 539 24.77 -16.97 -11.93
N LEU A 540 24.88 -17.89 -10.96
CA LEU A 540 24.48 -19.27 -11.17
C LEU A 540 23.08 -19.46 -10.61
N PRO A 541 22.05 -19.57 -11.45
CA PRO A 541 20.73 -19.89 -10.92
C PRO A 541 20.53 -21.38 -10.79
N ARG A 542 19.88 -21.78 -9.70
CA ARG A 542 19.78 -23.21 -9.42
C ARG A 542 18.75 -23.90 -10.30
N THR A 543 17.59 -23.27 -10.50
CA THR A 543 16.53 -23.88 -11.27
C THR A 543 16.17 -22.91 -12.39
N GLN A 544 15.54 -23.46 -13.44
CA GLN A 544 15.08 -22.64 -14.55
C GLN A 544 14.00 -21.65 -14.12
N THR A 545 13.17 -22.02 -13.15
CA THR A 545 12.13 -21.11 -12.67
C THR A 545 12.73 -19.96 -11.88
N ASP A 546 13.71 -20.24 -11.02
CA ASP A 546 14.38 -19.15 -10.31
C ASP A 546 15.23 -18.33 -11.27
N TYR A 547 15.75 -18.97 -12.32
CA TYR A 547 16.47 -18.27 -13.38
C TYR A 547 15.57 -17.27 -14.08
N GLU A 548 14.37 -17.70 -14.45
CA GLU A 548 13.48 -16.80 -15.17
C GLU A 548 12.81 -15.79 -14.26
N ASN A 549 12.68 -16.07 -12.95
CA ASN A 549 12.19 -15.04 -12.05
C ASN A 549 13.24 -13.93 -11.86
N SER A 550 14.50 -14.33 -11.67
CA SER A 550 15.56 -13.33 -11.54
C SER A 550 15.76 -12.58 -12.85
N LEU A 551 15.66 -13.29 -13.97
CA LEU A 551 15.72 -12.65 -15.28
C LEU A 551 14.55 -11.72 -15.50
N THR A 552 13.37 -12.09 -14.99
CA THR A 552 12.19 -11.25 -15.10
C THR A 552 12.38 -9.94 -14.36
N MET A 553 12.89 -10.02 -13.13
CA MET A 553 13.10 -8.80 -12.34
C MET A 553 14.17 -7.91 -12.95
N LYS A 554 15.33 -8.49 -13.32
CA LYS A 554 16.41 -7.67 -13.85
C LYS A 554 16.08 -7.13 -15.23
N MET A 555 15.50 -7.97 -16.08
CA MET A 555 15.12 -7.59 -17.43
C MET A 555 14.04 -6.52 -17.42
N PHE A 556 13.02 -6.68 -16.56
CA PHE A 556 11.99 -5.66 -16.47
C PHE A 556 12.53 -4.38 -15.86
N LEU A 557 13.48 -4.45 -14.92
CA LEU A 557 14.03 -3.21 -14.38
C LEU A 557 14.82 -2.45 -15.43
N PHE A 558 15.62 -3.16 -16.23
CA PHE A 558 16.32 -2.53 -17.34
C PHE A 558 15.35 -1.98 -18.37
N GLN A 559 14.26 -2.70 -18.63
CA GLN A 559 13.29 -2.27 -19.62
C GLN A 559 12.48 -1.08 -19.14
N PHE A 560 12.11 -1.09 -17.86
CA PHE A 560 11.46 0.03 -17.21
C PHE A 560 12.31 1.27 -17.35
N VAL A 561 13.59 1.16 -16.98
CA VAL A 561 14.52 2.27 -17.08
C VAL A 561 14.62 2.77 -18.50
N ASN A 562 14.83 1.84 -19.45
CA ASN A 562 15.05 2.17 -20.85
C ASN A 562 13.83 2.85 -21.46
N TYR A 563 12.64 2.29 -21.25
CA TYR A 563 11.48 2.83 -21.95
C TYR A 563 10.91 4.05 -21.26
N TYR A 564 10.84 4.09 -19.93
CA TYR A 564 10.13 5.18 -19.29
C TYR A 564 11.05 6.23 -18.69
N SER A 565 12.37 6.13 -18.85
CA SER A 565 13.20 7.15 -18.23
C SER A 565 13.16 8.45 -19.00
N SER A 566 13.02 8.38 -20.32
CA SER A 566 12.81 9.57 -21.11
C SER A 566 11.47 10.22 -20.75
N CYS A 567 10.44 9.41 -20.58
CA CYS A 567 9.12 9.92 -20.23
C CYS A 567 9.12 10.51 -18.82
N PHE A 568 9.84 9.88 -17.90
CA PHE A 568 9.96 10.42 -16.56
C PHE A 568 10.78 11.69 -16.54
N TYR A 569 11.79 11.79 -17.41
CA TYR A 569 12.52 13.05 -17.55
C TYR A 569 11.61 14.17 -18.02
N ILE A 570 10.83 13.92 -19.08
CA ILE A 570 9.91 14.93 -19.60
C ILE A 570 8.83 15.28 -18.59
N ALA A 571 8.38 14.29 -17.81
CA ALA A 571 7.31 14.54 -16.87
C ALA A 571 7.79 15.30 -15.65
N PHE A 572 8.83 14.80 -14.98
CA PHE A 572 9.17 15.28 -13.65
C PHE A 572 10.51 16.01 -13.56
N PHE A 573 11.37 15.94 -14.57
CA PHE A 573 12.66 16.59 -14.46
C PHE A 573 12.88 17.67 -15.50
N LYS A 574 12.27 17.56 -16.68
CA LYS A 574 12.50 18.54 -17.73
C LYS A 574 11.76 19.82 -17.39
N GLY A 575 12.51 20.92 -17.27
CA GLY A 575 11.93 22.21 -17.00
C GLY A 575 11.40 22.40 -15.61
N LYS A 576 11.55 21.41 -14.73
CA LYS A 576 11.01 21.50 -13.38
C LYS A 576 11.99 22.18 -12.45
N PHE A 577 13.28 22.01 -12.68
CA PHE A 577 14.29 22.52 -11.79
C PHE A 577 14.98 23.75 -12.33
N VAL A 578 14.55 24.26 -13.48
CA VAL A 578 15.13 25.49 -14.00
C VAL A 578 14.61 26.66 -13.18
N GLY A 579 15.50 27.59 -12.88
CA GLY A 579 15.06 28.77 -12.17
C GLY A 579 14.71 29.88 -13.13
N TYR A 580 14.83 31.11 -12.64
CA TYR A 580 14.56 32.29 -13.42
C TYR A 580 15.66 32.48 -14.46
N PRO A 581 15.43 33.31 -15.50
CA PRO A 581 16.48 33.53 -16.50
C PRO A 581 17.76 34.12 -15.94
N GLY A 582 17.65 34.99 -14.95
CA GLY A 582 18.83 35.31 -14.16
C GLY A 582 19.25 34.06 -13.41
N ASP A 583 20.54 33.70 -13.51
CA ASP A 583 21.14 32.48 -12.96
C ASP A 583 20.37 31.23 -13.38
N PRO A 584 20.45 30.80 -14.64
CA PRO A 584 19.82 29.54 -15.01
C PRO A 584 20.61 28.38 -14.44
N VAL A 585 19.96 27.23 -14.35
CA VAL A 585 20.59 26.06 -13.75
C VAL A 585 21.45 25.39 -14.79
N TYR A 586 22.77 25.65 -14.72
CA TYR A 586 23.75 24.91 -15.50
C TYR A 586 24.12 23.68 -14.71
N LEU A 587 23.89 22.50 -15.29
CA LEU A 587 23.96 21.25 -14.54
C LEU A 587 25.40 20.92 -14.12
N LEU A 588 26.36 21.15 -15.02
CA LEU A 588 27.77 20.96 -14.71
C LEU A 588 28.60 22.15 -15.18
N GLY A 589 27.98 23.31 -15.37
CA GLY A 589 28.65 24.42 -16.00
C GLY A 589 28.49 24.35 -17.50
N LYS A 590 27.99 25.44 -18.10
CA LYS A 590 27.67 25.55 -19.54
C LYS A 590 26.68 24.47 -19.96
N TYR A 591 25.75 24.13 -19.07
CA TYR A 591 24.80 23.04 -19.23
C TYR A 591 23.40 23.50 -18.83
N ARG A 592 22.96 24.61 -19.43
CA ARG A 592 21.65 25.20 -19.13
C ARG A 592 20.53 24.22 -19.47
N SER A 593 19.70 23.92 -18.48
CA SER A 593 18.60 22.99 -18.69
C SER A 593 17.49 23.65 -19.50
N GLU A 594 16.62 22.81 -20.02
CA GLU A 594 15.69 23.19 -21.08
C GLU A 594 14.39 23.71 -20.45
N GLU A 595 14.18 25.02 -20.52
CA GLU A 595 12.90 25.59 -20.13
C GLU A 595 11.82 25.07 -21.06
N CYS A 596 10.65 24.83 -20.50
CA CYS A 596 9.58 24.24 -21.30
C CYS A 596 8.75 25.33 -21.96
N ASP A 597 7.83 24.89 -22.81
CA ASP A 597 6.83 25.78 -23.37
C ASP A 597 5.87 26.23 -22.26
N PRO A 598 5.21 27.39 -22.43
CA PRO A 598 4.32 27.86 -21.36
C PRO A 598 3.07 27.03 -21.18
N GLY A 599 2.65 26.26 -22.19
CA GLY A 599 1.58 25.32 -21.97
C GLY A 599 1.99 24.16 -21.09
N GLY A 600 3.29 23.90 -21.01
CA GLY A 600 3.81 22.80 -20.23
C GLY A 600 4.49 21.77 -21.11
N CYS A 601 5.23 20.89 -20.45
CA CYS A 601 5.84 19.75 -21.11
C CYS A 601 4.88 18.59 -21.26
N LEU A 602 3.58 18.83 -21.08
CA LEU A 602 2.61 17.75 -21.21
C LEU A 602 2.43 17.36 -22.67
N LEU A 603 2.46 18.31 -23.58
CA LEU A 603 2.26 17.99 -24.99
C LEU A 603 3.48 17.27 -25.56
N GLU A 604 4.68 17.68 -25.16
CA GLU A 604 5.89 16.95 -25.55
C GLU A 604 5.88 15.54 -24.98
N LEU A 605 5.41 15.40 -23.73
CA LEU A 605 5.24 14.08 -23.13
C LEU A 605 4.22 13.26 -23.89
N THR A 606 3.16 13.91 -24.37
CA THR A 606 2.11 13.22 -25.12
C THR A 606 2.62 12.69 -26.44
N THR A 607 3.36 13.51 -27.16
CA THR A 607 3.90 13.08 -28.45
C THR A 607 4.96 12.01 -28.27
N GLN A 608 5.81 12.16 -27.25
CA GLN A 608 6.81 11.13 -26.96
C GLN A 608 6.16 9.83 -26.55
N LEU A 609 5.07 9.90 -25.80
CA LEU A 609 4.35 8.72 -25.36
C LEU A 609 3.71 8.01 -26.52
N THR A 610 3.01 8.75 -27.38
CA THR A 610 2.32 8.08 -28.48
C THR A 610 3.30 7.58 -29.52
N ILE A 611 4.45 8.24 -29.69
CA ILE A 611 5.45 7.74 -30.62
C ILE A 611 6.11 6.49 -30.07
N ILE A 612 6.54 6.51 -28.81
CA ILE A 612 7.18 5.33 -28.22
C ILE A 612 6.21 4.16 -28.12
N MET A 613 4.98 4.43 -27.71
CA MET A 613 3.99 3.36 -27.56
C MET A 613 3.57 2.79 -28.91
N GLY A 614 3.10 3.65 -29.82
CA GLY A 614 2.65 3.17 -31.12
C GLY A 614 3.78 2.67 -31.99
N GLY A 615 4.99 3.22 -31.82
CA GLY A 615 6.11 2.75 -32.59
C GLY A 615 6.63 1.43 -32.08
N LYS A 616 6.60 1.22 -30.76
CA LYS A 616 6.93 -0.10 -30.24
C LYS A 616 5.91 -1.11 -30.68
N ALA A 617 4.63 -0.70 -30.75
CA ALA A 617 3.57 -1.57 -31.26
C ALA A 617 3.82 -1.96 -32.70
N ILE A 618 4.00 -0.96 -33.57
CA ILE A 618 4.17 -1.19 -35.00
C ILE A 618 5.44 -1.96 -35.27
N TRP A 619 6.58 -1.47 -34.77
CA TRP A 619 7.85 -2.10 -35.07
C TRP A 619 8.00 -3.43 -34.38
N ASN A 620 7.35 -3.64 -33.24
CA ASN A 620 7.44 -4.94 -32.60
C ASN A 620 6.58 -5.95 -33.31
N ASN A 621 5.43 -5.56 -33.85
CA ASN A 621 4.66 -6.49 -34.65
C ASN A 621 5.35 -6.78 -35.98
N ILE A 622 6.00 -5.78 -36.57
CA ILE A 622 6.76 -5.97 -37.79
C ILE A 622 7.93 -6.91 -37.55
N GLN A 623 8.63 -6.75 -36.43
CA GLN A 623 9.70 -7.68 -36.08
C GLN A 623 9.15 -9.08 -35.80
N GLU A 624 8.03 -9.16 -35.07
CA GLU A 624 7.42 -10.44 -34.71
C GLU A 624 6.95 -11.21 -35.93
N VAL A 625 6.50 -10.51 -36.96
CA VAL A 625 6.17 -11.18 -38.22
C VAL A 625 7.44 -11.54 -38.98
N LEU A 626 8.28 -10.54 -39.25
CA LEU A 626 9.25 -10.67 -40.32
C LEU A 626 10.45 -11.52 -39.91
N LEU A 627 10.97 -11.30 -38.69
CA LEU A 627 12.21 -11.96 -38.25
C LEU A 627 12.11 -13.49 -38.23
N PRO A 628 11.06 -14.13 -37.69
CA PRO A 628 10.92 -15.58 -37.95
C PRO A 628 10.65 -15.89 -39.41
N TRP A 629 9.91 -15.03 -40.10
CA TRP A 629 9.58 -15.28 -41.51
C TRP A 629 10.82 -15.17 -42.38
N VAL A 630 11.66 -14.14 -42.17
CA VAL A 630 12.86 -14.03 -43.00
C VAL A 630 13.90 -15.06 -42.60
N MET A 631 13.90 -15.49 -41.32
CA MET A 631 14.82 -16.56 -40.95
C MET A 631 14.41 -17.88 -41.58
N ASN A 632 13.11 -18.16 -41.63
CA ASN A 632 12.63 -19.33 -42.33
C ASN A 632 12.84 -19.21 -43.84
N LEU A 633 12.79 -18.00 -44.37
CA LEU A 633 12.99 -17.79 -45.80
C LEU A 633 14.44 -18.07 -46.20
N ILE A 634 15.40 -17.57 -45.41
CA ILE A 634 16.80 -17.84 -45.73
C ILE A 634 17.17 -19.27 -45.36
N GLY A 635 16.39 -19.91 -44.48
CA GLY A 635 16.56 -21.34 -44.29
C GLY A 635 16.08 -22.14 -45.48
N ARG A 636 14.93 -21.77 -46.02
CA ARG A 636 14.35 -22.47 -47.17
C ARG A 636 15.13 -22.21 -48.45
N TYR A 637 15.85 -21.08 -48.54
CA TYR A 637 16.66 -20.81 -49.71
C TYR A 637 17.89 -21.72 -49.79
N LYS A 638 18.28 -22.35 -48.69
CA LYS A 638 19.30 -23.37 -48.72
C LYS A 638 18.71 -24.71 -49.15
N THR A 647 7.67 -35.42 -49.14
CA THR A 647 8.59 -35.01 -48.08
C THR A 647 7.97 -35.19 -46.69
N PRO A 648 8.78 -35.64 -45.73
CA PRO A 648 8.22 -36.01 -44.41
C PRO A 648 7.82 -34.80 -43.58
N ARG A 649 6.97 -35.11 -42.59
CA ARG A 649 6.38 -34.11 -41.70
C ARG A 649 7.42 -33.45 -40.82
N TRP A 650 8.22 -34.26 -40.12
CA TRP A 650 9.19 -33.75 -39.16
C TRP A 650 10.31 -32.98 -39.85
N GLU A 651 10.59 -33.30 -41.12
CA GLU A 651 11.50 -32.49 -41.91
C GLU A 651 10.95 -31.09 -42.12
N GLN A 652 9.64 -30.99 -42.38
CA GLN A 652 9.03 -29.68 -42.52
C GLN A 652 9.03 -28.93 -41.20
N ASP A 653 8.73 -29.62 -40.10
CA ASP A 653 8.67 -28.94 -38.82
C ASP A 653 10.05 -28.65 -38.26
N TYR A 654 11.08 -29.28 -38.81
CA TYR A 654 12.45 -29.01 -38.38
C TYR A 654 12.88 -27.60 -38.78
N HIS A 655 12.58 -27.21 -40.02
CA HIS A 655 13.04 -25.93 -40.55
C HIS A 655 12.06 -24.83 -40.13
N LEU A 656 12.05 -24.58 -38.84
CA LEU A 656 11.30 -23.49 -38.23
C LEU A 656 12.22 -22.92 -37.17
N GLN A 657 12.13 -21.62 -36.93
CA GLN A 657 12.92 -21.05 -35.85
C GLN A 657 12.39 -21.57 -34.52
N PRO A 658 13.23 -22.17 -33.69
CA PRO A 658 12.76 -22.63 -32.37
C PRO A 658 12.45 -21.46 -31.46
N MET A 659 11.54 -21.70 -30.52
CA MET A 659 10.99 -20.62 -29.71
C MET A 659 12.02 -20.06 -28.74
N GLY A 660 12.88 -20.91 -28.22
CA GLY A 660 13.82 -20.50 -27.21
C GLY A 660 13.44 -21.04 -25.83
N LYS A 661 14.40 -20.96 -24.90
CA LYS A 661 14.17 -21.49 -23.56
C LYS A 661 13.17 -20.64 -22.79
N LEU A 662 13.18 -19.32 -23.02
CA LEU A 662 12.23 -18.45 -22.34
C LEU A 662 10.83 -18.59 -22.91
N GLY A 663 10.70 -18.44 -24.22
CA GLY A 663 9.41 -18.62 -24.87
C GLY A 663 8.55 -17.38 -24.89
N LEU A 664 7.45 -17.42 -24.14
CA LEU A 664 6.47 -16.35 -24.14
C LEU A 664 6.90 -15.14 -23.32
N PHE A 665 8.06 -15.25 -22.67
CA PHE A 665 8.55 -14.27 -21.70
C PHE A 665 8.57 -12.86 -22.28
N TYR A 666 9.28 -12.68 -23.40
CA TYR A 666 9.36 -11.40 -24.08
C TYR A 666 8.00 -10.90 -24.49
N GLU A 667 7.11 -11.82 -24.88
CA GLU A 667 5.73 -11.49 -25.22
C GLU A 667 5.05 -10.80 -24.07
N TYR A 668 5.08 -11.43 -22.88
CA TYR A 668 4.54 -10.84 -21.66
C TYR A 668 5.18 -9.49 -21.41
N LEU A 669 6.51 -9.44 -21.63
CA LEU A 669 7.31 -8.26 -21.36
C LEU A 669 6.79 -7.06 -22.14
N GLU A 670 6.49 -7.26 -23.43
CA GLU A 670 6.13 -6.09 -24.22
C GLU A 670 4.74 -5.60 -23.83
N MET A 671 3.84 -6.51 -23.47
CA MET A 671 2.52 -6.09 -23.05
C MET A 671 2.59 -5.40 -21.69
N ILE A 672 3.50 -5.84 -20.82
CA ILE A 672 3.67 -5.17 -19.54
C ILE A 672 4.19 -3.77 -19.78
N ILE A 673 5.07 -3.62 -20.76
CA ILE A 673 5.55 -2.30 -21.14
C ILE A 673 4.41 -1.47 -21.69
N GLN A 674 3.54 -2.11 -22.48
CA GLN A 674 2.35 -1.42 -22.98
C GLN A 674 1.45 -1.02 -21.83
N PHE A 675 1.36 -1.88 -20.82
CA PHE A 675 0.57 -1.58 -19.64
C PHE A 675 1.13 -0.38 -18.89
N GLY A 676 2.45 -0.23 -18.90
CA GLY A 676 3.04 0.93 -18.26
C GLY A 676 2.79 2.21 -19.02
N PHE A 677 2.40 2.11 -20.29
CA PHE A 677 1.94 3.29 -20.97
C PHE A 677 0.44 3.49 -20.77
N VAL A 678 -0.30 2.40 -20.57
CA VAL A 678 -1.75 2.52 -20.37
C VAL A 678 -2.02 3.12 -19.00
N THR A 679 -1.16 2.86 -18.02
CA THR A 679 -1.45 3.18 -16.64
C THR A 679 -0.64 4.35 -16.09
N LEU A 680 0.68 4.32 -16.25
CA LEU A 680 1.51 5.27 -15.54
C LEU A 680 1.40 6.67 -16.11
N PHE A 681 1.06 6.80 -17.39
CA PHE A 681 1.04 8.10 -18.03
C PHE A 681 -0.32 8.44 -18.62
N VAL A 682 -1.38 7.86 -18.05
CA VAL A 682 -2.71 7.97 -18.64
C VAL A 682 -3.29 9.35 -18.44
N ALA A 683 -2.73 10.14 -17.56
CA ALA A 683 -3.29 11.47 -17.35
C ALA A 683 -2.85 12.44 -18.43
N SER A 684 -1.89 12.07 -19.27
CA SER A 684 -1.45 12.96 -20.34
C SER A 684 -2.43 12.95 -21.50
N PHE A 685 -2.63 11.78 -22.11
CA PHE A 685 -3.59 11.70 -23.20
C PHE A 685 -4.55 10.55 -22.96
N PRO A 686 -5.85 10.78 -23.11
CA PRO A 686 -6.83 9.74 -22.79
C PRO A 686 -6.95 8.64 -23.82
N LEU A 687 -6.33 8.77 -24.99
CA LEU A 687 -6.47 7.78 -26.05
C LEU A 687 -5.49 6.62 -25.91
N ALA A 688 -4.76 6.55 -24.79
CA ALA A 688 -3.85 5.43 -24.57
C ALA A 688 -4.56 4.09 -24.49
N PRO A 689 -5.72 3.92 -23.85
CA PRO A 689 -6.42 2.63 -24.00
C PRO A 689 -6.96 2.40 -25.40
N LEU A 690 -7.24 3.44 -26.18
CA LEU A 690 -7.70 3.21 -27.55
C LEU A 690 -6.58 2.66 -28.42
N LEU A 691 -5.40 3.29 -28.35
CA LEU A 691 -4.23 2.80 -29.06
C LEU A 691 -3.82 1.42 -28.57
N ALA A 692 -3.95 1.17 -27.27
CA ALA A 692 -3.70 -0.16 -26.75
C ALA A 692 -4.71 -1.17 -27.26
N LEU A 693 -5.96 -0.75 -27.45
CA LEU A 693 -6.99 -1.66 -27.94
C LEU A 693 -6.76 -2.03 -29.39
N VAL A 694 -6.48 -1.02 -30.22
CA VAL A 694 -6.24 -1.27 -31.64
C VAL A 694 -4.92 -2.00 -31.83
N ASN A 695 -3.99 -1.87 -30.88
CA ASN A 695 -2.80 -2.68 -30.95
C ASN A 695 -3.08 -4.11 -30.52
N ASN A 696 -3.90 -4.29 -29.48
CA ASN A 696 -4.08 -5.61 -28.91
C ASN A 696 -4.92 -6.51 -29.80
N ILE A 697 -5.87 -5.91 -30.55
CA ILE A 697 -6.69 -6.68 -31.48
C ILE A 697 -5.83 -7.32 -32.55
N LEU A 698 -4.86 -6.57 -33.08
CA LEU A 698 -3.88 -7.16 -33.97
C LEU A 698 -2.82 -7.96 -33.25
N GLU A 699 -2.63 -7.71 -31.94
CA GLU A 699 -1.54 -8.37 -31.23
C GLU A 699 -1.86 -9.82 -30.95
N ILE A 700 -3.13 -10.11 -30.66
CA ILE A 700 -3.60 -11.49 -30.57
C ILE A 700 -3.34 -12.22 -31.89
N ARG A 701 -3.59 -11.53 -33.01
CA ARG A 701 -3.46 -12.18 -34.31
C ARG A 701 -1.99 -12.35 -34.70
N VAL A 702 -1.13 -11.41 -34.35
CA VAL A 702 0.28 -11.57 -34.76
C VAL A 702 0.97 -12.61 -33.88
N ASP A 703 0.67 -12.62 -32.57
CA ASP A 703 1.22 -13.66 -31.70
C ASP A 703 0.68 -15.03 -32.08
N ALA A 704 -0.61 -15.09 -32.39
CA ALA A 704 -1.25 -16.31 -32.87
C ALA A 704 -0.63 -16.79 -34.17
N TRP A 705 -0.39 -15.86 -35.10
CA TRP A 705 0.04 -16.25 -36.43
C TRP A 705 1.49 -16.68 -36.42
N LYS A 706 2.35 -15.98 -35.70
CA LYS A 706 3.73 -16.42 -35.64
C LYS A 706 3.87 -17.70 -34.83
N LEU A 707 3.02 -17.88 -33.82
CA LEU A 707 3.09 -19.09 -33.02
C LEU A 707 2.57 -20.29 -33.79
N THR A 708 1.61 -20.07 -34.69
CA THR A 708 1.09 -21.18 -35.47
C THR A 708 1.99 -21.48 -36.67
N THR A 709 2.33 -20.47 -37.44
CA THR A 709 3.06 -20.68 -38.68
C THR A 709 4.54 -20.84 -38.43
N GLN A 710 5.17 -19.86 -37.79
CA GLN A 710 6.61 -19.71 -37.94
C GLN A 710 7.41 -20.47 -36.89
N PHE A 711 6.89 -20.64 -35.68
CA PHE A 711 7.68 -21.20 -34.59
C PHE A 711 7.42 -22.69 -34.45
N ARG A 712 8.43 -23.39 -33.95
CA ARG A 712 8.26 -24.76 -33.51
C ARG A 712 7.30 -24.81 -32.34
N ARG A 713 6.59 -25.93 -32.21
CA ARG A 713 5.61 -26.08 -31.15
C ARG A 713 6.29 -26.17 -29.80
N MET A 714 6.03 -25.18 -28.95
CA MET A 714 6.55 -25.20 -27.59
C MET A 714 5.91 -26.33 -26.80
N VAL A 715 6.69 -26.91 -25.90
CA VAL A 715 6.19 -28.01 -25.06
C VAL A 715 5.12 -27.49 -24.11
N PRO A 716 3.95 -28.11 -24.06
CA PRO A 716 2.90 -27.65 -23.17
C PRO A 716 3.25 -27.89 -21.71
N GLU A 717 3.04 -26.87 -20.88
CA GLU A 717 3.27 -26.98 -19.44
C GLU A 717 2.41 -25.93 -18.75
N LYS A 718 1.85 -26.32 -17.61
CA LYS A 718 0.82 -25.52 -16.96
C LYS A 718 1.42 -24.47 -16.04
N ALA A 719 0.85 -23.28 -16.08
CA ALA A 719 1.14 -22.20 -15.15
C ALA A 719 -0.17 -21.67 -14.61
N GLN A 720 -0.22 -21.41 -13.31
CA GLN A 720 -1.46 -21.01 -12.65
C GLN A 720 -1.71 -19.52 -12.73
N ASP A 721 -0.80 -18.75 -13.31
CA ASP A 721 -0.88 -17.30 -13.38
C ASP A 721 0.06 -16.84 -14.48
N ILE A 722 0.20 -15.52 -14.63
CA ILE A 722 1.19 -15.02 -15.57
C ILE A 722 2.60 -15.22 -15.03
N GLY A 723 2.74 -15.36 -13.73
CA GLY A 723 4.04 -15.66 -13.13
C GLY A 723 4.59 -14.51 -12.34
N ALA A 724 5.86 -14.19 -12.55
CA ALA A 724 6.51 -13.10 -11.85
C ALA A 724 6.08 -11.74 -12.37
N TRP A 725 5.33 -11.70 -13.46
CA TRP A 725 4.81 -10.44 -13.95
C TRP A 725 3.65 -9.93 -13.11
N GLN A 726 3.00 -10.78 -12.32
CA GLN A 726 1.88 -10.34 -11.50
C GLN A 726 2.28 -9.40 -10.35
N PRO A 727 3.36 -9.66 -9.58
CA PRO A 727 3.79 -8.59 -8.65
C PRO A 727 4.33 -7.38 -9.35
N ILE A 728 4.86 -7.55 -10.55
CA ILE A 728 5.29 -6.41 -11.36
C ILE A 728 4.09 -5.56 -11.74
N MET A 729 2.97 -6.20 -12.08
CA MET A 729 1.78 -5.46 -12.46
C MET A 729 1.14 -4.78 -11.25
N GLN A 730 1.17 -5.44 -10.10
CA GLN A 730 0.66 -4.79 -8.90
C GLN A 730 1.54 -3.61 -8.48
N GLY A 731 2.85 -3.74 -8.67
CA GLY A 731 3.73 -2.61 -8.38
C GLY A 731 3.53 -1.47 -9.37
N ILE A 732 3.28 -1.81 -10.63
CA ILE A 732 2.96 -0.79 -11.63
C ILE A 732 1.64 -0.13 -11.29
N ALA A 733 0.70 -0.90 -10.74
CA ALA A 733 -0.60 -0.34 -10.36
C ALA A 733 -0.48 0.61 -9.18
N ILE A 734 0.35 0.26 -8.19
CA ILE A 734 0.55 1.16 -7.05
C ILE A 734 1.35 2.38 -7.48
N LEU A 735 2.33 2.20 -8.36
CA LEU A 735 3.09 3.32 -8.87
C LEU A 735 2.27 4.21 -9.78
N ALA A 736 1.20 3.68 -10.38
CA ALA A 736 0.40 4.44 -11.31
C ALA A 736 -0.36 5.56 -10.63
N VAL A 737 -0.78 5.37 -9.39
CA VAL A 737 -1.52 6.41 -8.68
C VAL A 737 -0.60 7.58 -8.37
N VAL A 738 0.60 7.28 -7.87
CA VAL A 738 1.60 8.31 -7.59
C VAL A 738 2.01 9.00 -8.87
N THR A 739 2.18 8.23 -9.95
CA THR A 739 2.69 8.81 -11.18
C THR A 739 1.64 9.68 -11.86
N ASN A 740 0.38 9.25 -11.86
CA ASN A 740 -0.70 10.07 -12.38
C ASN A 740 -0.92 11.30 -11.53
N ALA A 741 -0.75 11.19 -10.21
CA ALA A 741 -0.89 12.35 -9.36
C ALA A 741 0.19 13.38 -9.64
N MET A 742 1.44 12.94 -9.81
CA MET A 742 2.49 13.87 -10.19
C MET A 742 2.35 14.34 -11.62
N ILE A 743 1.63 13.62 -12.47
CA ILE A 743 1.43 14.13 -13.83
C ILE A 743 0.36 15.22 -13.84
N ILE A 744 -0.73 15.02 -13.11
CA ILE A 744 -1.77 16.04 -13.05
C ILE A 744 -1.28 17.26 -12.28
N ALA A 745 -0.51 17.04 -11.22
CA ALA A 745 -0.01 18.17 -10.44
C ALA A 745 1.21 18.80 -11.11
N PHE A 746 2.27 18.02 -11.28
CA PHE A 746 3.56 18.55 -11.68
C PHE A 746 3.74 18.68 -13.18
N THR A 747 3.23 17.73 -13.97
CA THR A 747 3.45 17.84 -15.41
C THR A 747 2.46 18.81 -16.07
N SER A 748 1.17 18.54 -15.94
CA SER A 748 0.18 19.41 -16.56
C SER A 748 0.06 20.73 -15.81
N ASP A 749 -0.65 21.67 -16.40
CA ASP A 749 -0.92 22.95 -15.76
C ASP A 749 -2.37 23.08 -15.37
N MET A 750 -3.08 21.97 -15.16
CA MET A 750 -4.47 22.00 -14.76
C MET A 750 -4.66 22.60 -13.38
N ILE A 751 -3.76 22.31 -12.45
CA ILE A 751 -3.83 22.83 -11.10
C ILE A 751 -3.60 24.33 -11.01
N PRO A 752 -2.64 24.97 -11.74
CA PRO A 752 -2.59 26.44 -11.68
C PRO A 752 -3.83 27.15 -12.21
N ARG A 753 -4.45 26.68 -13.29
CA ARG A 753 -5.66 27.36 -13.72
C ARG A 753 -6.84 27.00 -12.84
N LEU A 754 -6.81 25.84 -12.19
CA LEU A 754 -7.82 25.54 -11.19
C LEU A 754 -7.74 26.52 -10.03
N VAL A 755 -6.52 26.84 -9.60
CA VAL A 755 -6.33 27.83 -8.55
C VAL A 755 -6.68 29.22 -9.06
N TYR A 756 -6.44 29.50 -10.35
CA TYR A 756 -6.78 30.81 -10.89
C TYR A 756 -8.28 31.03 -10.96
N TYR A 757 -9.02 30.01 -11.36
CA TYR A 757 -10.47 30.14 -11.41
C TYR A 757 -11.06 30.17 -10.02
N TRP A 758 -10.77 29.16 -9.19
CA TRP A 758 -11.45 29.07 -7.90
C TRP A 758 -10.94 30.09 -6.91
N SER A 759 -9.67 30.47 -7.00
CA SER A 759 -9.06 31.23 -5.94
C SER A 759 -8.66 32.64 -6.34
N PHE A 760 -8.47 32.94 -7.63
CA PHE A 760 -8.05 34.29 -7.96
C PHE A 760 -8.86 34.91 -9.09
N SER A 761 -10.11 34.50 -9.25
CA SER A 761 -11.12 35.39 -9.79
C SER A 761 -11.59 36.41 -8.75
N ILE A 762 -11.32 36.13 -7.48
CA ILE A 762 -11.70 36.97 -6.35
C ILE A 762 -10.86 38.26 -6.38
N PRO A 763 -11.29 39.34 -5.73
CA PRO A 763 -10.51 40.59 -5.79
C PRO A 763 -9.18 40.53 -5.05
N PRO A 764 -9.05 39.76 -3.93
CA PRO A 764 -7.64 39.60 -3.56
C PRO A 764 -6.86 38.71 -4.51
N THR A 772 -14.36 33.56 -12.83
CA THR A 772 -14.04 33.49 -14.26
C THR A 772 -12.69 32.88 -14.52
N MET A 773 -12.46 32.48 -15.76
CA MET A 773 -11.17 31.95 -16.16
C MET A 773 -10.38 32.91 -17.03
N ASP A 774 -10.97 34.02 -17.45
CA ASP A 774 -10.28 34.93 -18.35
C ASP A 774 -9.19 35.70 -17.64
N GLY A 775 -8.13 36.01 -18.37
CA GLY A 775 -6.98 36.66 -17.81
C GLY A 775 -6.00 35.74 -17.13
N TYR A 776 -5.97 34.47 -17.52
CA TYR A 776 -5.13 33.48 -16.83
C TYR A 776 -3.68 33.55 -17.30
N ILE A 777 -3.46 33.84 -18.58
CA ILE A 777 -2.13 33.73 -19.14
C ILE A 777 -1.28 34.94 -18.77
N ASN A 778 -1.84 36.14 -18.72
CA ASN A 778 -1.05 37.27 -18.27
C ASN A 778 -0.80 37.21 -16.77
N ASN A 779 -1.72 36.58 -16.02
CA ASN A 779 -1.58 36.56 -14.58
C ASN A 779 -0.75 35.39 -14.08
N THR A 780 -0.46 34.41 -14.93
CA THR A 780 0.39 33.30 -14.50
C THR A 780 1.87 33.68 -14.54
N LEU A 781 2.35 34.19 -15.67
CA LEU A 781 3.78 34.32 -15.94
C LEU A 781 4.42 35.46 -15.14
N SER A 782 5.74 35.54 -15.23
CA SER A 782 6.54 36.50 -14.48
C SER A 782 7.41 37.31 -15.41
N VAL A 783 7.41 38.63 -15.21
CA VAL A 783 8.17 39.53 -16.06
C VAL A 783 9.64 39.50 -15.64
N PHE A 784 10.54 39.70 -16.60
CA PHE A 784 11.98 39.56 -16.38
C PHE A 784 12.71 40.79 -16.88
N ASN A 785 13.54 41.37 -16.02
CA ASN A 785 14.39 42.48 -16.42
C ASN A 785 15.67 41.94 -17.04
N ILE A 786 16.14 42.62 -18.09
CA ILE A 786 17.23 42.12 -18.92
C ILE A 786 18.55 42.11 -18.16
N THR A 787 18.68 42.92 -17.12
CA THR A 787 19.82 42.87 -16.22
C THR A 787 19.90 41.55 -15.44
N CYS A 807 10.28 40.40 -20.99
CA CYS A 807 9.73 39.12 -21.43
C CYS A 807 9.10 38.39 -20.26
N ARG A 808 8.24 37.41 -20.55
CA ARG A 808 7.42 36.76 -19.52
C ARG A 808 7.60 35.25 -19.58
N TYR A 809 8.63 34.76 -18.90
CA TYR A 809 8.93 33.34 -18.83
C TYR A 809 7.90 32.61 -17.98
N ARG A 810 7.75 31.32 -18.25
CA ARG A 810 6.73 30.52 -17.57
C ARG A 810 7.23 30.11 -16.20
N ASP A 811 6.85 30.88 -15.18
CA ASP A 811 7.16 30.54 -13.80
C ASP A 811 6.27 31.39 -12.91
N PHE A 812 6.18 31.01 -11.65
CA PHE A 812 5.50 31.77 -10.62
C PHE A 812 6.58 32.39 -9.73
N ARG A 813 7.06 33.55 -10.12
CA ARG A 813 8.11 34.21 -9.37
C ARG A 813 7.75 35.66 -9.18
N ASN A 814 7.91 36.13 -7.94
CA ASN A 814 7.75 37.50 -7.51
C ASN A 814 8.61 38.39 -8.39
N PRO A 815 8.00 39.31 -9.16
CA PRO A 815 8.79 40.25 -9.95
C PRO A 815 9.63 41.16 -9.07
N PRO A 816 11.52 42.09 -11.34
CA PRO A 816 12.05 43.45 -11.28
C PRO A 816 11.13 44.45 -10.60
N GLY A 817 11.34 44.70 -9.32
CA GLY A 817 10.57 45.74 -8.67
C GLY A 817 9.86 45.31 -7.41
N HIS A 818 9.65 44.00 -7.26
CA HIS A 818 9.06 43.66 -5.98
C HIS A 818 10.16 43.54 -4.93
N PRO A 819 9.85 43.84 -3.66
CA PRO A 819 10.80 43.61 -2.57
C PRO A 819 11.43 42.23 -2.49
N GLN A 820 10.75 41.19 -2.97
CA GLN A 820 11.31 39.85 -2.97
C GLN A 820 11.45 39.33 -4.39
N GLU A 821 11.99 40.18 -5.27
CA GLU A 821 12.08 39.92 -6.71
C GLU A 821 12.84 38.64 -7.03
N TYR A 822 12.27 37.85 -7.94
CA TYR A 822 12.70 36.55 -8.46
C TYR A 822 12.72 35.44 -7.43
N LYS A 823 12.39 35.72 -6.16
CA LYS A 823 12.04 34.68 -5.22
C LYS A 823 10.62 34.24 -5.52
N HIS A 824 10.26 33.09 -5.00
CA HIS A 824 8.90 32.60 -5.20
C HIS A 824 7.91 33.46 -4.44
N ASN A 825 6.80 33.78 -5.09
CA ASN A 825 5.83 34.68 -4.48
C ASN A 825 4.78 33.91 -3.70
N ILE A 826 3.77 34.64 -3.25
CA ILE A 826 2.59 34.05 -2.61
C ILE A 826 1.91 33.05 -3.53
N TYR A 827 1.84 33.38 -4.82
CA TYR A 827 1.05 32.58 -5.74
C TYR A 827 1.75 31.28 -6.11
N TYR A 828 3.08 31.28 -6.15
CA TYR A 828 3.83 30.03 -6.30
C TYR A 828 3.50 29.07 -5.19
N TRP A 829 3.54 29.57 -3.95
CA TRP A 829 3.34 28.68 -2.83
C TRP A 829 1.90 28.27 -2.69
N HIS A 830 0.97 29.14 -3.11
CA HIS A 830 -0.44 28.76 -3.16
C HIS A 830 -0.65 27.63 -4.17
N VAL A 831 -0.10 27.79 -5.37
CA VAL A 831 -0.32 26.83 -6.44
C VAL A 831 0.42 25.52 -6.14
N ILE A 832 1.62 25.61 -5.58
CA ILE A 832 2.35 24.39 -5.27
C ILE A 832 1.79 23.72 -4.03
N ALA A 833 1.15 24.47 -3.12
CA ALA A 833 0.49 23.82 -2.01
C ALA A 833 -0.77 23.14 -2.47
N ALA A 834 -1.45 23.72 -3.46
CA ALA A 834 -2.60 23.04 -4.05
C ALA A 834 -2.16 21.82 -4.85
N LYS A 835 -1.00 21.87 -5.47
CA LYS A 835 -0.44 20.70 -6.14
C LYS A 835 -0.20 19.58 -5.15
N LEU A 836 0.50 19.88 -4.05
CA LEU A 836 0.82 18.85 -3.07
C LEU A 836 -0.42 18.35 -2.35
N ALA A 837 -1.37 19.24 -2.08
CA ALA A 837 -2.63 18.83 -1.48
C ALA A 837 -3.44 17.98 -2.44
N PHE A 838 -3.32 18.25 -3.73
CA PHE A 838 -3.98 17.42 -4.72
C PHE A 838 -3.35 16.06 -4.79
N ILE A 839 -2.03 15.99 -4.67
CA ILE A 839 -1.34 14.70 -4.64
C ILE A 839 -1.79 13.89 -3.43
N ILE A 840 -1.91 14.54 -2.28
CA ILE A 840 -2.29 13.84 -1.05
C ILE A 840 -3.75 13.40 -1.12
N VAL A 841 -4.64 14.29 -1.52
CA VAL A 841 -6.06 14.00 -1.61
C VAL A 841 -6.33 12.93 -2.66
N MET A 842 -5.74 13.07 -3.84
CA MET A 842 -5.96 12.13 -4.92
C MET A 842 -5.38 10.77 -4.60
N GLU A 843 -4.17 10.72 -4.03
CA GLU A 843 -3.58 9.45 -3.66
C GLU A 843 -4.37 8.76 -2.57
N HIS A 844 -4.76 9.49 -1.53
CA HIS A 844 -5.45 8.86 -0.42
C HIS A 844 -6.86 8.42 -0.80
N ILE A 845 -7.56 9.25 -1.58
CA ILE A 845 -8.89 8.91 -2.06
C ILE A 845 -8.84 7.69 -2.98
N ILE A 846 -7.89 7.68 -3.92
CA ILE A 846 -7.83 6.58 -4.87
C ILE A 846 -7.35 5.31 -4.19
N TYR A 847 -6.43 5.42 -3.24
CA TYR A 847 -5.96 4.23 -2.53
C TYR A 847 -7.02 3.66 -1.61
N SER A 848 -7.86 4.51 -1.01
CA SER A 848 -8.97 3.99 -0.24
C SER A 848 -10.03 3.37 -1.15
N VAL A 849 -10.26 3.94 -2.34
CA VAL A 849 -11.20 3.35 -3.28
C VAL A 849 -10.68 2.01 -3.78
N LYS A 850 -9.37 1.91 -4.00
CA LYS A 850 -8.77 0.64 -4.40
C LYS A 850 -8.86 -0.39 -3.27
N PHE A 851 -8.72 0.07 -2.03
CA PHE A 851 -8.86 -0.83 -0.89
C PHE A 851 -10.32 -1.29 -0.74
N PHE A 852 -11.28 -0.37 -0.88
CA PHE A 852 -12.69 -0.70 -0.77
C PHE A 852 -13.12 -1.63 -1.88
N ILE A 853 -12.53 -1.49 -3.07
CA ILE A 853 -12.93 -2.33 -4.19
C ILE A 853 -12.27 -3.70 -4.09
N SER A 854 -11.01 -3.76 -3.66
CA SER A 854 -10.37 -5.07 -3.48
C SER A 854 -10.96 -5.81 -2.29
N TYR A 855 -11.48 -5.09 -1.30
CA TYR A 855 -12.14 -5.72 -0.17
C TYR A 855 -13.59 -6.06 -0.48
N ALA A 856 -14.23 -5.29 -1.35
CA ALA A 856 -15.64 -5.48 -1.66
C ALA A 856 -15.83 -6.55 -2.72
N ILE A 857 -14.95 -6.60 -3.70
CA ILE A 857 -15.04 -7.67 -4.70
C ILE A 857 -14.59 -8.98 -4.06
N PRO A 858 -15.39 -10.05 -4.15
CA PRO A 858 -15.07 -11.28 -3.41
C PRO A 858 -13.90 -12.05 -3.97
N ASP A 859 -13.37 -11.67 -5.14
CA ASP A 859 -12.21 -12.30 -5.79
C ASP A 859 -12.42 -13.78 -6.07
N VAL A 860 -13.68 -14.17 -6.28
CA VAL A 860 -14.06 -15.54 -6.61
C VAL A 860 -15.39 -15.47 -7.34
N SER A 861 -15.76 -16.56 -8.01
CA SER A 861 -17.02 -16.64 -8.74
C SER A 861 -18.23 -16.61 -7.81
N GLN B 94 -37.17 -32.91 27.88
CA GLN B 94 -36.21 -32.19 28.72
C GLN B 94 -35.10 -33.12 29.17
N LYS B 95 -35.38 -33.87 30.24
CA LYS B 95 -34.40 -34.84 30.75
C LYS B 95 -34.24 -36.02 29.79
N ARG B 96 -35.25 -36.28 28.97
CA ARG B 96 -35.18 -37.36 27.99
C ARG B 96 -34.13 -37.07 26.93
N LYS B 97 -34.01 -35.80 26.52
CA LYS B 97 -33.02 -35.42 25.53
C LYS B 97 -31.60 -35.59 26.07
N ARG B 98 -31.40 -35.20 27.33
CA ARG B 98 -30.09 -35.36 27.95
C ARG B 98 -29.76 -36.83 28.17
N GLN B 99 -30.76 -37.64 28.55
CA GLN B 99 -30.52 -39.07 28.73
C GLN B 99 -30.21 -39.75 27.41
N ALA B 100 -30.88 -39.35 26.33
CA ALA B 100 -30.60 -39.94 25.02
C ALA B 100 -29.25 -39.49 24.49
N TYR B 101 -28.87 -38.24 24.73
CA TYR B 101 -27.54 -37.78 24.34
C TYR B 101 -26.45 -38.49 25.14
N GLU B 102 -26.71 -38.77 26.41
CA GLU B 102 -25.73 -39.50 27.21
C GLU B 102 -25.63 -40.96 26.78
N SER B 103 -26.76 -41.55 26.37
CA SER B 103 -26.72 -42.91 25.85
C SER B 103 -26.02 -42.98 24.49
N ASN B 104 -26.12 -41.91 23.69
CA ASN B 104 -25.35 -41.84 22.46
C ASN B 104 -23.88 -41.65 22.75
N LEU B 105 -23.56 -40.91 23.82
CA LEU B 105 -22.16 -40.70 24.19
C LEU B 105 -21.53 -41.96 24.76
N ILE B 106 -22.30 -42.76 25.48
CA ILE B 106 -21.80 -44.06 25.94
C ILE B 106 -21.62 -44.99 24.75
N CYS B 107 -22.41 -44.81 23.70
CA CYS B 107 -22.26 -45.57 22.47
C CYS B 107 -21.05 -45.07 21.69
N THR B 115 -21.91 -39.05 38.93
CA THR B 115 -21.86 -38.69 40.34
C THR B 115 -22.46 -37.30 40.58
N ARG B 116 -23.13 -37.14 41.71
CA ARG B 116 -23.68 -35.85 42.09
C ARG B 116 -22.63 -35.05 42.87
N SER B 117 -22.94 -33.78 43.10
CA SER B 117 -22.07 -32.95 43.89
C SER B 117 -22.36 -33.13 45.38
N VAL B 118 -21.29 -33.15 46.18
CA VAL B 118 -21.45 -33.29 47.62
C VAL B 118 -22.00 -32.01 48.23
N SER B 119 -21.70 -30.86 47.62
CA SER B 119 -22.17 -29.59 48.16
C SER B 119 -23.60 -29.29 47.71
N ASP B 120 -23.95 -29.64 46.48
CA ASP B 120 -25.28 -29.39 45.94
C ASP B 120 -25.87 -30.70 45.45
N ASP B 121 -27.00 -31.09 46.04
CA ASP B 121 -27.63 -32.35 45.67
C ASP B 121 -28.33 -32.29 44.32
N LYS B 122 -28.67 -31.09 43.85
CA LYS B 122 -29.41 -30.98 42.60
C LYS B 122 -28.51 -31.16 41.38
N LEU B 123 -27.22 -30.92 41.52
CA LEU B 123 -26.29 -30.97 40.40
C LEU B 123 -25.54 -32.30 40.37
N VAL B 124 -25.44 -32.88 39.18
CA VAL B 124 -24.72 -34.13 38.96
C VAL B 124 -23.76 -33.94 37.80
N PHE B 125 -22.52 -34.36 37.99
CA PHE B 125 -21.48 -34.21 36.98
C PHE B 125 -20.95 -35.58 36.60
N VAL B 126 -20.96 -35.88 35.30
CA VAL B 126 -20.52 -37.18 34.79
C VAL B 126 -19.10 -37.05 34.27
N LYS B 127 -18.24 -37.97 34.67
CA LYS B 127 -16.88 -38.01 34.15
C LYS B 127 -16.89 -38.52 32.71
N VAL B 128 -15.99 -37.96 31.89
CA VAL B 128 -15.95 -38.26 30.46
C VAL B 128 -14.51 -38.61 30.11
N HIS B 129 -14.27 -39.87 29.76
CA HIS B 129 -12.96 -40.35 29.34
C HIS B 129 -13.12 -41.18 28.07
N ALA B 130 -12.03 -41.31 27.33
CA ALA B 130 -12.10 -42.08 26.10
C ALA B 130 -11.25 -43.32 26.18
N PRO B 131 -11.69 -44.44 25.62
CA PRO B 131 -10.83 -45.63 25.54
C PRO B 131 -9.75 -45.44 24.49
N TRP B 132 -8.80 -46.38 24.49
CA TRP B 132 -7.62 -46.26 23.64
C TRP B 132 -7.98 -46.41 22.16
N GLU B 133 -8.87 -47.35 21.84
CA GLU B 133 -9.27 -47.54 20.45
C GLU B 133 -10.14 -46.39 19.95
N VAL B 134 -11.01 -45.86 20.80
CA VAL B 134 -11.83 -44.72 20.41
C VAL B 134 -10.98 -43.47 20.26
N LEU B 135 -9.93 -43.33 21.08
CA LEU B 135 -9.00 -42.21 20.93
C LEU B 135 -8.22 -42.32 19.64
N CYS B 136 -7.79 -43.53 19.28
CA CYS B 136 -7.11 -43.73 18.00
C CYS B 136 -8.06 -43.51 16.83
N THR B 137 -9.35 -43.80 17.00
CA THR B 137 -10.32 -43.55 15.93
C THR B 137 -10.57 -42.07 15.74
N TYR B 138 -10.74 -41.32 16.82
CA TYR B 138 -10.93 -39.88 16.70
C TYR B 138 -9.64 -39.18 16.28
N ALA B 139 -8.49 -39.78 16.57
CA ALA B 139 -7.21 -39.26 16.11
C ALA B 139 -6.87 -39.67 14.69
N GLU B 140 -7.59 -40.64 14.13
CA GLU B 140 -7.51 -40.86 12.70
C GLU B 140 -8.50 -39.97 11.94
N ILE B 141 -9.68 -39.72 12.52
CA ILE B 141 -10.65 -38.84 11.89
C ILE B 141 -10.18 -37.38 11.95
N MET B 142 -9.41 -37.03 12.97
CA MET B 142 -8.75 -35.74 13.05
C MET B 142 -7.26 -35.98 13.13
N HIS B 143 -6.54 -35.65 12.05
CA HIS B 143 -5.18 -36.12 11.84
C HIS B 143 -4.18 -35.45 12.77
N ILE B 144 -4.00 -36.04 13.95
CA ILE B 144 -3.09 -35.48 14.94
C ILE B 144 -1.64 -35.80 14.58
N LYS B 145 -0.73 -35.08 15.21
CA LYS B 145 0.70 -35.29 15.00
C LYS B 145 1.21 -36.44 15.86
N LEU B 146 2.38 -36.92 15.52
CA LEU B 146 3.05 -38.03 16.20
C LEU B 146 4.49 -37.67 16.46
N PRO B 147 5.19 -38.47 17.28
CA PRO B 147 6.59 -38.19 17.61
C PRO B 147 7.54 -38.55 16.47
N SER B 202 -1.53 -41.77 27.83
CA SER B 202 -0.17 -41.33 28.17
C SER B 202 0.57 -40.85 26.93
N PHE B 203 0.22 -41.44 25.78
CA PHE B 203 0.82 -41.03 24.53
C PHE B 203 0.13 -39.80 23.96
N PHE B 204 -1.18 -39.70 24.15
CA PHE B 204 -1.93 -38.53 23.75
C PHE B 204 -1.81 -37.48 24.86
N ASN B 205 -1.42 -36.27 24.47
CA ASN B 205 -1.24 -35.19 25.44
C ASN B 205 -2.59 -34.76 26.00
N PRO B 206 -2.58 -34.10 27.17
CA PRO B 206 -3.86 -33.75 27.80
C PRO B 206 -4.61 -32.66 27.07
N ALA B 207 -3.89 -31.73 26.43
CA ALA B 207 -4.55 -30.79 25.54
C ALA B 207 -5.09 -31.50 24.31
N THR B 208 -4.32 -32.45 23.78
CA THR B 208 -4.77 -33.24 22.64
C THR B 208 -5.95 -34.14 23.01
N ARG B 209 -5.91 -34.73 24.21
CA ARG B 209 -7.02 -35.57 24.66
C ARG B 209 -8.28 -34.74 24.88
N SER B 210 -8.13 -33.55 25.48
CA SER B 210 -9.27 -32.68 25.71
C SER B 210 -9.83 -32.09 24.42
N ARG B 211 -9.00 -31.96 23.37
CA ARG B 211 -9.54 -31.51 22.10
C ARG B 211 -10.22 -32.64 21.33
N ILE B 212 -9.65 -33.85 21.38
CA ILE B 212 -10.18 -34.97 20.62
C ILE B 212 -11.48 -35.47 21.25
N VAL B 213 -11.59 -35.42 22.58
CA VAL B 213 -12.86 -35.71 23.23
C VAL B 213 -13.89 -34.62 22.89
N TYR B 214 -13.43 -33.37 22.83
CA TYR B 214 -14.30 -32.31 22.33
C TYR B 214 -14.42 -32.41 20.81
N ARG B 235 -23.89 -25.99 22.67
CA ARG B 235 -25.13 -25.52 22.09
C ARG B 235 -26.33 -26.06 22.84
N LEU B 236 -26.23 -27.32 23.29
CA LEU B 236 -27.27 -27.89 24.12
C LEU B 236 -27.27 -27.25 25.50
N VAL B 237 -26.11 -26.81 25.97
CA VAL B 237 -26.03 -26.04 27.21
C VAL B 237 -26.44 -24.59 27.00
N SER B 238 -26.50 -24.13 25.75
CA SER B 238 -26.94 -22.76 25.48
C SER B 238 -28.44 -22.61 25.73
N SER B 239 -29.21 -23.67 25.49
CA SER B 239 -30.64 -23.61 25.78
C SER B 239 -30.92 -23.77 27.26
N GLY B 240 -29.98 -24.33 28.01
CA GLY B 240 -30.12 -24.50 29.43
C GLY B 240 -30.37 -25.91 29.91
N ILE B 241 -30.29 -26.90 29.02
CA ILE B 241 -30.52 -28.28 29.42
C ILE B 241 -29.36 -28.79 30.25
N TYR B 242 -28.14 -28.69 29.72
CA TYR B 242 -26.94 -29.09 30.43
C TYR B 242 -26.46 -27.92 31.27
N LYS B 243 -26.09 -28.20 32.52
CA LYS B 243 -25.62 -27.15 33.41
C LYS B 243 -24.25 -26.66 32.99
N ALA B 244 -23.25 -27.53 32.99
CA ALA B 244 -21.91 -27.15 32.59
C ALA B 244 -21.15 -28.35 32.07
N ALA B 245 -20.35 -28.11 31.04
CA ALA B 245 -19.47 -29.12 30.46
C ALA B 245 -18.11 -28.49 30.30
N PHE B 246 -17.07 -29.18 30.76
CA PHE B 246 -15.75 -28.57 30.88
C PHE B 246 -14.71 -29.68 30.93
N PRO B 247 -13.44 -29.34 30.70
CA PRO B 247 -12.35 -30.24 31.12
C PRO B 247 -12.08 -30.04 32.60
N LEU B 248 -11.09 -30.74 33.10
CA LEU B 248 -10.69 -30.60 34.49
C LEU B 248 -9.25 -30.12 34.55
N HIS B 249 -8.95 -29.29 35.56
CA HIS B 249 -7.58 -28.87 35.78
C HIS B 249 -6.76 -30.02 36.36
N ASP B 250 -5.44 -29.92 36.21
CA ASP B 250 -4.57 -30.99 36.68
C ASP B 250 -4.40 -30.94 38.19
N CYS B 251 -4.16 -29.75 38.75
CA CYS B 251 -3.93 -29.66 40.18
C CYS B 251 -4.31 -28.27 40.66
N ARG B 252 -4.45 -28.12 41.97
CA ARG B 252 -4.60 -26.80 42.55
C ARG B 252 -3.29 -26.03 42.40
N PHE B 253 -3.41 -24.71 42.21
CA PHE B 253 -2.20 -23.93 42.02
C PHE B 253 -1.47 -23.68 43.34
N ASN B 254 -2.20 -23.55 44.44
CA ASN B 254 -1.59 -23.19 45.70
C ASN B 254 -0.74 -24.32 46.29
N TYR B 255 -1.05 -25.57 45.94
CA TYR B 255 -0.25 -26.68 46.43
C TYR B 255 -0.24 -27.81 45.42
N GLU B 256 0.89 -28.50 45.36
CA GLU B 256 1.13 -29.57 44.41
C GLU B 256 0.23 -30.77 44.69
N SER B 257 -0.26 -31.41 43.63
CA SER B 257 -1.04 -32.63 43.79
C SER B 257 -0.16 -33.80 44.21
N SER B 264 1.68 -32.94 38.00
CA SER B 264 1.33 -31.69 38.66
C SER B 264 1.84 -30.52 37.84
N GLU B 265 1.20 -30.29 36.70
CA GLU B 265 1.66 -29.32 35.72
C GLU B 265 1.22 -27.90 36.02
N ARG B 266 -0.03 -27.74 36.46
CA ARG B 266 -0.56 -26.41 36.73
C ARG B 266 0.18 -25.76 37.88
N TYR B 267 0.50 -26.55 38.90
CA TYR B 267 1.32 -26.07 40.00
C TYR B 267 2.70 -25.63 39.53
N LEU B 268 3.25 -26.34 38.54
CA LEU B 268 4.60 -26.03 38.06
C LEU B 268 4.63 -24.70 37.31
N LEU B 269 3.79 -24.56 36.28
CA LEU B 269 3.85 -23.30 35.56
C LEU B 269 3.13 -22.18 36.28
N TYR B 270 2.44 -22.47 37.39
CA TYR B 270 2.06 -21.39 38.27
C TYR B 270 3.23 -20.96 39.14
N ARG B 271 4.05 -21.92 39.57
CA ARG B 271 5.14 -21.60 40.49
C ARG B 271 6.27 -20.87 39.80
N GLU B 272 6.52 -21.17 38.53
CA GLU B 272 7.66 -20.56 37.86
C GLU B 272 7.29 -19.64 36.71
N TRP B 273 6.04 -19.56 36.31
CA TRP B 273 5.69 -18.61 35.26
C TRP B 273 4.55 -17.68 35.65
N ALA B 274 3.45 -18.25 36.14
CA ALA B 274 2.24 -17.47 36.35
C ALA B 274 2.26 -16.67 37.64
N HIS B 275 3.17 -16.97 38.55
CA HIS B 275 3.27 -16.19 39.77
C HIS B 275 3.88 -14.83 39.47
N PRO B 276 3.45 -13.77 40.15
CA PRO B 276 4.13 -12.47 39.99
C PRO B 276 5.53 -12.44 40.55
N ARG B 277 5.91 -13.39 41.42
CA ARG B 277 7.29 -13.50 41.86
C ARG B 277 8.21 -13.98 40.74
N SER B 278 7.67 -14.68 39.75
CA SER B 278 8.42 -15.07 38.56
C SER B 278 8.14 -14.11 37.41
N ILE B 279 8.35 -12.82 37.68
CA ILE B 279 8.10 -11.82 36.66
C ILE B 279 9.25 -11.77 35.65
N TYR B 280 10.45 -12.17 36.03
CA TYR B 280 11.62 -12.01 35.19
C TYR B 280 11.92 -13.22 34.32
N LYS B 281 11.37 -14.38 34.65
CA LYS B 281 11.73 -15.60 33.94
C LYS B 281 11.15 -15.62 32.53
N LYS B 282 11.73 -16.46 31.68
CA LYS B 282 11.21 -16.65 30.35
C LYS B 282 9.91 -17.44 30.38
N GLN B 283 9.13 -17.29 29.34
CA GLN B 283 7.85 -17.98 29.30
C GLN B 283 8.04 -19.40 28.82
N PRO B 284 7.48 -20.37 29.50
CA PRO B 284 7.48 -21.76 29.02
C PRO B 284 6.42 -21.96 27.93
N LEU B 285 6.78 -21.59 26.71
CA LEU B 285 5.82 -21.56 25.61
C LEU B 285 5.46 -22.96 25.16
N ASP B 286 6.42 -23.89 25.20
CA ASP B 286 6.08 -25.28 24.93
C ASP B 286 5.20 -25.85 26.03
N LEU B 287 5.46 -25.44 27.28
CA LEU B 287 4.60 -25.87 28.37
C LEU B 287 3.24 -25.20 28.29
N ILE B 288 3.17 -23.97 27.78
CA ILE B 288 1.87 -23.32 27.72
C ILE B 288 1.03 -23.87 26.56
N ARG B 289 1.67 -24.32 25.47
CA ARG B 289 0.90 -24.98 24.43
C ARG B 289 0.60 -26.42 24.83
N LYS B 290 1.40 -26.98 25.73
CA LYS B 290 1.10 -28.29 26.29
C LYS B 290 -0.13 -28.23 27.17
N TYR B 291 -0.22 -27.21 28.02
CA TYR B 291 -1.27 -27.18 29.03
C TYR B 291 -2.53 -26.50 28.54
N TYR B 292 -2.43 -25.47 27.70
CA TYR B 292 -3.59 -24.66 27.37
C TYR B 292 -4.09 -24.82 25.94
N GLY B 293 -3.20 -24.91 24.97
CA GLY B 293 -3.63 -25.00 23.58
C GLY B 293 -3.03 -23.88 22.74
N GLU B 294 -2.95 -24.16 21.44
CA GLU B 294 -2.13 -23.35 20.54
C GLU B 294 -2.72 -21.98 20.28
N LYS B 295 -4.00 -21.75 20.52
CA LYS B 295 -4.47 -20.37 20.45
C LYS B 295 -4.00 -19.59 21.66
N ILE B 296 -4.06 -20.21 22.85
CA ILE B 296 -3.53 -19.55 24.03
C ILE B 296 -2.01 -19.44 23.94
N GLY B 297 -1.38 -20.46 23.39
CA GLY B 297 0.06 -20.40 23.16
C GLY B 297 0.45 -19.34 22.16
N ILE B 298 -0.36 -19.15 21.12
CA ILE B 298 0.01 -18.14 20.13
C ILE B 298 -0.32 -16.76 20.63
N TYR B 299 -1.30 -16.62 21.53
CA TYR B 299 -1.52 -15.32 22.14
C TYR B 299 -0.38 -14.97 23.08
N PHE B 300 0.11 -15.94 23.85
CA PHE B 300 1.18 -15.61 24.77
C PHE B 300 2.52 -15.50 24.07
N ALA B 301 2.68 -16.19 22.94
CA ALA B 301 3.87 -15.99 22.11
C ALA B 301 3.85 -14.62 21.47
N TRP B 302 2.70 -14.20 20.95
CA TRP B 302 2.57 -12.86 20.41
C TRP B 302 2.75 -11.80 21.46
N LEU B 303 2.30 -12.09 22.68
CA LEU B 303 2.42 -11.12 23.76
C LEU B 303 3.88 -10.98 24.21
N GLY B 304 4.57 -12.11 24.35
CA GLY B 304 5.97 -12.04 24.74
C GLY B 304 6.86 -11.45 23.66
N TYR B 305 6.61 -11.81 22.41
CA TYR B 305 7.38 -11.24 21.31
C TYR B 305 7.08 -9.76 21.14
N TYR B 306 5.83 -9.36 21.36
CA TYR B 306 5.48 -7.96 21.42
C TYR B 306 6.26 -7.26 22.51
N THR B 307 6.43 -7.92 23.66
CA THR B 307 7.19 -7.34 24.75
C THR B 307 8.67 -7.18 24.40
N GLN B 308 9.26 -8.20 23.77
CA GLN B 308 10.68 -8.09 23.39
C GLN B 308 10.90 -7.06 22.31
N MET B 309 9.97 -6.91 21.36
CA MET B 309 10.11 -5.85 20.37
C MET B 309 9.90 -4.48 20.99
N LEU B 310 9.00 -4.41 21.97
CA LEU B 310 8.78 -3.16 22.65
C LEU B 310 9.96 -2.76 23.51
N LEU B 311 10.78 -3.72 23.91
CA LEU B 311 12.00 -3.38 24.65
C LEU B 311 12.97 -2.62 23.76
N LEU B 312 13.13 -3.05 22.51
CA LEU B 312 13.95 -2.33 21.55
C LEU B 312 13.38 -0.96 21.23
N ALA B 313 12.06 -0.91 20.97
CA ALA B 313 11.43 0.37 20.69
C ALA B 313 11.44 1.29 21.92
N ALA B 314 11.44 0.72 23.11
CA ALA B 314 11.44 1.50 24.34
C ALA B 314 12.81 2.07 24.63
N VAL B 315 13.88 1.32 24.37
CA VAL B 315 15.20 1.90 24.61
C VAL B 315 15.54 2.94 23.55
N VAL B 316 15.03 2.78 22.31
CA VAL B 316 15.22 3.87 21.36
C VAL B 316 14.36 5.07 21.74
N GLY B 317 13.16 4.86 22.30
CA GLY B 317 12.36 5.97 22.76
C GLY B 317 12.97 6.68 23.95
N VAL B 318 13.64 5.94 24.83
CA VAL B 318 14.39 6.53 25.92
C VAL B 318 15.60 7.31 25.40
N ALA B 319 16.20 6.83 24.31
CA ALA B 319 17.30 7.56 23.69
C ALA B 319 16.83 8.89 23.11
N CYS B 320 15.69 8.89 22.42
CA CYS B 320 15.17 10.15 21.91
C CYS B 320 14.61 11.04 23.01
N PHE B 321 14.13 10.45 24.11
CA PHE B 321 13.74 11.22 25.27
C PHE B 321 14.94 11.90 25.92
N LEU B 322 16.08 11.21 25.93
CA LEU B 322 17.31 11.83 26.41
C LEU B 322 17.83 12.86 25.43
N TYR B 323 17.61 12.66 24.13
CA TYR B 323 17.95 13.67 23.14
C TYR B 323 17.16 14.94 23.37
N GLY B 324 15.89 14.80 23.71
CA GLY B 324 15.09 15.97 24.02
C GLY B 324 15.43 16.58 25.36
N TYR B 325 15.80 15.75 26.34
CA TYR B 325 16.03 16.27 27.68
C TYR B 325 17.38 16.95 27.79
N LEU B 326 18.42 16.36 27.23
CA LEU B 326 19.76 16.93 27.37
C LEU B 326 19.92 18.19 26.54
N ASP B 327 19.18 18.32 25.44
CA ASP B 327 19.22 19.53 24.64
C ASP B 327 18.20 20.56 25.09
N GLN B 328 17.74 20.48 26.34
CA GLN B 328 16.77 21.46 26.80
C GLN B 328 17.38 22.85 26.97
N ASP B 329 18.70 22.93 27.11
CA ASP B 329 19.38 24.21 27.12
C ASP B 329 19.63 24.75 25.72
N ASN B 330 19.42 23.93 24.68
CA ASN B 330 19.61 24.36 23.31
C ASN B 330 18.31 24.61 22.55
N CYS B 331 17.16 24.22 23.10
CA CYS B 331 15.87 24.58 22.50
C CYS B 331 15.67 26.07 22.70
N THR B 332 15.92 26.86 21.65
CA THR B 332 15.92 28.30 21.77
C THR B 332 14.51 28.84 22.02
N TRP B 333 13.50 28.18 21.43
CA TRP B 333 12.14 28.67 21.55
C TRP B 333 11.59 28.52 22.96
N SER B 334 11.93 27.42 23.65
CA SER B 334 11.46 27.26 25.02
C SER B 334 12.18 28.21 25.95
N LYS B 335 13.46 28.48 25.69
CA LYS B 335 14.19 29.42 26.52
C LYS B 335 13.76 30.86 26.27
N GLU B 336 13.20 31.16 25.10
CA GLU B 336 12.69 32.51 24.88
C GLU B 336 11.20 32.65 25.14
N VAL B 337 10.46 31.56 25.32
CA VAL B 337 9.14 31.73 25.90
C VAL B 337 9.20 31.70 27.42
N CYS B 338 10.26 31.11 27.99
CA CYS B 338 10.43 31.15 29.43
C CYS B 338 11.07 32.44 29.90
N ASP B 339 11.84 33.09 29.03
CA ASP B 339 12.34 34.42 29.32
C ASP B 339 11.17 35.41 29.28
N PRO B 340 11.12 36.36 30.22
CA PRO B 340 9.98 37.30 30.24
C PRO B 340 9.97 38.28 29.08
N ASP B 341 11.13 38.60 28.51
CA ASP B 341 11.17 39.61 27.46
C ASP B 341 10.59 39.10 26.15
N ILE B 342 11.02 37.93 25.71
CA ILE B 342 10.50 37.45 24.43
C ILE B 342 9.18 36.72 24.62
N GLY B 343 9.06 35.90 25.66
CA GLY B 343 7.83 35.17 25.91
C GLY B 343 6.76 35.95 26.63
N GLY B 344 7.12 36.70 27.67
CA GLY B 344 6.12 37.40 28.45
C GLY B 344 5.53 38.62 27.77
N GLN B 345 6.20 39.16 26.76
CA GLN B 345 5.70 40.35 26.08
C GLN B 345 4.78 40.02 24.91
N ILE B 346 4.10 38.88 24.94
CA ILE B 346 3.23 38.49 23.85
C ILE B 346 1.82 39.05 24.03
N LEU B 347 1.20 38.76 25.19
CA LEU B 347 -0.16 39.18 25.54
C LEU B 347 -1.18 38.66 24.54
N MET B 348 -1.19 37.35 24.34
CA MET B 348 -1.90 36.77 23.22
C MET B 348 -3.40 36.70 23.48
N CYS B 349 -4.15 36.48 22.40
CA CYS B 349 -5.60 36.62 22.38
C CYS B 349 -6.29 35.53 23.19
N PRO B 350 -7.48 35.82 23.72
CA PRO B 350 -8.25 34.78 24.41
C PRO B 350 -8.83 33.76 23.44
N GLN B 351 -8.89 32.52 23.88
CA GLN B 351 -9.49 31.44 23.11
C GLN B 351 -10.94 31.20 23.46
N CYS B 352 -11.62 32.21 24.01
CA CYS B 352 -12.82 31.97 24.81
C CYS B 352 -13.67 33.23 24.76
N ASP B 353 -15.00 33.04 24.79
CA ASP B 353 -15.89 34.17 24.55
C ASP B 353 -16.09 35.02 25.80
N ARG B 354 -16.65 34.45 26.87
CA ARG B 354 -16.73 35.16 28.13
C ARG B 354 -15.36 35.14 28.77
N LEU B 355 -15.05 36.19 29.54
CA LEU B 355 -13.81 36.95 29.46
C LEU B 355 -12.56 36.16 29.07
N CYS B 356 -12.21 35.14 29.87
CA CYS B 356 -11.11 34.20 29.63
C CYS B 356 -9.82 34.94 29.23
N PRO B 357 -9.38 35.91 30.02
CA PRO B 357 -8.77 37.13 29.46
C PRO B 357 -7.42 36.90 28.79
N PHE B 358 -7.05 37.86 27.95
CA PHE B 358 -5.81 37.77 27.20
C PHE B 358 -4.62 37.85 28.15
N TRP B 359 -3.58 37.07 27.85
CA TRP B 359 -2.60 36.69 28.84
C TRP B 359 -1.19 36.73 28.29
N ARG B 360 -0.26 37.13 29.15
CA ARG B 360 1.16 36.99 28.87
C ARG B 360 1.49 35.52 28.69
N LEU B 361 2.36 35.22 27.73
CA LEU B 361 2.56 33.85 27.28
C LEU B 361 3.47 33.04 28.20
N ASN B 362 4.23 33.67 29.10
CA ASN B 362 5.23 32.94 29.88
C ASN B 362 4.61 31.91 30.84
N ILE B 363 3.29 31.98 31.06
CA ILE B 363 2.61 30.99 31.87
C ILE B 363 2.53 29.63 31.18
N THR B 364 2.77 29.54 29.88
CA THR B 364 2.87 28.23 29.26
C THR B 364 4.30 27.71 29.27
N CYS B 365 5.22 28.50 29.86
CA CYS B 365 6.65 28.17 29.91
C CYS B 365 6.90 26.82 30.57
N GLU B 366 6.27 26.58 31.71
CA GLU B 366 6.44 25.29 32.38
C GLU B 366 5.76 24.18 31.62
N SER B 367 4.79 24.50 30.76
CA SER B 367 4.27 23.54 29.80
C SER B 367 5.13 23.49 28.55
N SER B 368 5.81 24.59 28.22
CA SER B 368 6.64 24.60 27.02
C SER B 368 7.98 23.92 27.23
N LYS B 369 8.46 23.90 28.47
CA LYS B 369 9.77 23.31 28.77
C LYS B 369 9.79 21.83 28.42
N LYS B 370 8.81 21.09 28.94
CA LYS B 370 8.66 19.69 28.54
C LYS B 370 8.26 19.56 27.07
N LEU B 371 7.73 20.62 26.46
CA LEU B 371 7.45 20.57 25.03
C LEU B 371 8.74 20.50 24.22
N CYS B 372 9.85 21.03 24.75
CA CYS B 372 11.15 20.82 24.11
C CYS B 372 11.53 19.35 24.08
N ILE B 373 11.02 18.55 25.01
CA ILE B 373 11.16 17.11 24.90
C ILE B 373 10.29 16.57 23.77
N PHE B 374 9.04 17.01 23.70
CA PHE B 374 8.04 16.20 23.02
C PHE B 374 7.98 16.42 21.51
N ASP B 375 8.36 17.60 21.02
CA ASP B 375 8.60 17.77 19.59
C ASP B 375 9.96 18.43 19.39
N SER B 376 10.99 17.59 19.39
CA SER B 376 12.33 17.98 18.97
C SER B 376 12.70 17.06 17.82
N PHE B 377 13.95 17.12 17.36
CA PHE B 377 14.38 16.23 16.29
C PHE B 377 14.43 14.77 16.74
N GLY B 378 14.54 14.54 18.05
CA GLY B 378 14.61 13.19 18.56
C GLY B 378 13.33 12.41 18.34
N THR B 379 12.18 13.04 18.54
CA THR B 379 10.94 12.33 18.28
C THR B 379 10.66 12.16 16.79
N LEU B 380 11.22 13.02 15.95
CA LEU B 380 11.09 12.82 14.51
C LEU B 380 11.90 11.62 14.06
N ILE B 381 13.14 11.52 14.56
CA ILE B 381 13.94 10.32 14.33
C ILE B 381 13.27 9.09 14.91
N PHE B 382 12.57 9.25 16.04
CA PHE B 382 11.86 8.12 16.61
C PHE B 382 10.68 7.70 15.76
N ALA B 383 9.96 8.65 15.14
CA ALA B 383 8.81 8.29 14.33
C ALA B 383 9.24 7.60 13.04
N VAL B 384 10.28 8.14 12.40
CA VAL B 384 10.83 7.50 11.21
C VAL B 384 11.42 6.14 11.58
N PHE B 385 11.96 6.01 12.78
CA PHE B 385 12.40 4.72 13.27
C PHE B 385 11.22 3.78 13.51
N MET B 386 10.11 4.32 14.00
CA MET B 386 9.01 3.49 14.44
C MET B 386 8.26 2.88 13.28
N GLY B 387 8.24 3.56 12.14
CA GLY B 387 7.75 2.93 10.93
C GLY B 387 8.52 1.67 10.58
N VAL B 388 9.85 1.77 10.65
CA VAL B 388 10.73 0.63 10.43
C VAL B 388 10.52 -0.43 11.50
N TRP B 389 10.27 0.00 12.73
CA TRP B 389 10.13 -0.94 13.83
C TRP B 389 8.84 -1.72 13.72
N VAL B 390 7.75 -1.06 13.30
CA VAL B 390 6.49 -1.76 13.03
C VAL B 390 6.69 -2.76 11.91
N THR B 391 7.47 -2.38 10.90
CA THR B 391 7.72 -3.28 9.78
C THR B 391 8.51 -4.50 10.22
N LEU B 392 9.54 -4.30 11.05
CA LEU B 392 10.33 -5.41 11.56
C LEU B 392 9.51 -6.29 12.50
N PHE B 393 8.65 -5.66 13.29
CA PHE B 393 7.73 -6.36 14.18
C PHE B 393 6.83 -7.30 13.38
N LEU B 394 6.28 -6.79 12.28
CA LEU B 394 5.38 -7.59 11.47
C LEU B 394 6.11 -8.69 10.72
N GLU B 395 7.28 -8.39 10.15
CA GLU B 395 7.98 -9.42 9.39
C GLU B 395 8.57 -10.51 10.27
N PHE B 396 9.18 -10.15 11.39
CA PHE B 396 9.69 -11.20 12.26
C PHE B 396 8.56 -11.90 13.00
N TRP B 397 7.39 -11.28 13.13
CA TRP B 397 6.27 -12.05 13.63
C TRP B 397 5.71 -13.00 12.58
N LYS B 398 5.84 -12.64 11.31
CA LYS B 398 5.52 -13.59 10.24
C LYS B 398 6.47 -14.78 10.29
N ARG B 399 7.75 -14.50 10.57
CA ARG B 399 8.73 -15.58 10.72
C ARG B 399 8.43 -16.45 11.94
N ARG B 400 8.02 -15.82 13.04
CA ARG B 400 7.71 -16.57 14.25
C ARG B 400 6.42 -17.36 14.10
N GLN B 401 5.47 -16.87 13.30
CA GLN B 401 4.28 -17.64 12.98
C GLN B 401 4.62 -18.79 12.06
N ALA B 402 5.61 -18.59 11.19
CA ALA B 402 6.07 -19.67 10.33
C ALA B 402 6.76 -20.77 11.14
N GLU B 403 7.51 -20.38 12.17
CA GLU B 403 8.18 -21.36 13.01
C GLU B 403 7.18 -22.11 13.88
N LEU B 404 6.22 -21.39 14.45
CA LEU B 404 5.32 -21.95 15.46
C LEU B 404 4.09 -22.62 14.85
N GLU B 405 4.16 -23.06 13.61
CA GLU B 405 3.02 -23.73 12.99
C GLU B 405 2.76 -25.12 13.57
N PHE B 461 -26.16 -2.66 7.98
CA PHE B 461 -25.90 -1.32 7.45
C PHE B 461 -26.27 -0.25 8.46
N PHE B 462 -27.18 -0.60 9.37
CA PHE B 462 -27.55 0.28 10.47
C PHE B 462 -26.38 0.51 11.42
N TRP B 463 -25.49 -0.47 11.53
CA TRP B 463 -24.35 -0.36 12.43
C TRP B 463 -23.33 0.65 11.95
N ILE B 464 -23.22 0.87 10.63
CA ILE B 464 -22.31 1.89 10.13
C ILE B 464 -22.84 3.28 10.47
N LEU B 465 -24.15 3.47 10.36
CA LEU B 465 -24.76 4.72 10.78
C LEU B 465 -24.59 4.93 12.29
N LEU B 466 -24.64 3.83 13.04
CA LEU B 466 -24.36 3.91 14.46
C LEU B 466 -22.91 4.27 14.75
N ILE B 467 -21.99 3.79 13.91
CA ILE B 467 -20.57 4.14 14.05
C ILE B 467 -20.37 5.63 13.78
N ILE B 468 -21.09 6.18 12.80
CA ILE B 468 -20.99 7.62 12.54
C ILE B 468 -21.58 8.43 13.70
N ALA B 469 -22.69 7.93 14.28
CA ALA B 469 -23.24 8.56 15.48
C ALA B 469 -22.27 8.50 16.64
N SER B 470 -21.51 7.41 16.74
CA SER B 470 -20.47 7.29 17.76
C SER B 470 -19.34 8.26 17.52
N VAL B 471 -18.94 8.42 16.25
CA VAL B 471 -17.89 9.36 15.87
C VAL B 471 -18.26 10.77 16.32
N ILE B 472 -19.51 11.15 16.11
CA ILE B 472 -19.96 12.47 16.58
C ILE B 472 -20.04 12.48 18.11
N GLY B 473 -20.42 11.36 18.71
CA GLY B 473 -20.69 11.34 20.14
C GLY B 473 -19.45 11.51 20.99
N ILE B 474 -18.36 10.84 20.61
CA ILE B 474 -17.14 10.94 21.42
C ILE B 474 -16.56 12.33 21.33
N ILE B 475 -16.64 12.96 20.16
CA ILE B 475 -16.12 14.31 20.01
C ILE B 475 -16.96 15.30 20.81
N VAL B 476 -18.29 15.13 20.79
CA VAL B 476 -19.11 16.11 21.50
C VAL B 476 -19.01 15.91 23.01
N TYR B 477 -18.80 14.68 23.50
CA TYR B 477 -18.59 14.65 24.94
C TYR B 477 -17.15 14.96 25.32
N ARG B 478 -16.19 14.86 24.40
CA ARG B 478 -14.88 15.44 24.69
C ARG B 478 -15.00 16.94 24.89
N LEU B 479 -15.81 17.59 24.05
CA LEU B 479 -16.11 19.00 24.26
C LEU B 479 -16.83 19.24 25.58
N SER B 480 -17.76 18.34 25.94
CA SER B 480 -18.55 18.55 27.15
C SER B 480 -17.70 18.36 28.39
N VAL B 481 -16.79 17.39 28.39
CA VAL B 481 -15.94 17.21 29.57
C VAL B 481 -14.92 18.32 29.68
N PHE B 482 -14.49 18.90 28.54
CA PHE B 482 -13.64 20.07 28.65
C PHE B 482 -14.41 21.29 29.18
N ILE B 483 -15.69 21.41 28.80
CA ILE B 483 -16.50 22.52 29.30
C ILE B 483 -16.79 22.35 30.79
N VAL B 484 -17.16 21.14 31.22
CA VAL B 484 -17.50 20.96 32.63
C VAL B 484 -16.24 20.93 33.49
N PHE B 485 -15.07 20.75 32.88
CA PHE B 485 -13.93 21.21 33.66
C PHE B 485 -13.85 22.72 33.72
N SER B 486 -14.10 23.40 32.60
CA SER B 486 -13.80 24.83 32.48
C SER B 486 -14.63 25.70 33.40
N THR B 487 -15.77 25.20 33.89
CA THR B 487 -16.55 25.93 34.88
C THR B 487 -16.23 25.45 36.29
N LEU B 503 3.12 24.11 35.10
CA LEU B 503 2.61 22.77 35.38
C LEU B 503 1.14 22.83 35.78
N THR B 504 0.91 23.16 37.06
CA THR B 504 -0.34 23.04 37.83
C THR B 504 -1.64 23.41 37.10
N PRO B 505 -1.81 24.58 36.46
CA PRO B 505 -3.14 24.83 35.85
C PRO B 505 -3.39 24.02 34.58
N GLN B 506 -2.42 23.97 33.67
CA GLN B 506 -2.58 23.23 32.43
C GLN B 506 -2.55 21.73 32.66
N MET B 507 -1.68 21.28 33.56
CA MET B 507 -1.66 19.85 33.90
C MET B 507 -2.92 19.44 34.63
N ALA B 508 -3.44 20.29 35.52
CA ALA B 508 -4.69 19.98 36.21
C ALA B 508 -5.84 19.87 35.23
N THR B 509 -5.91 20.83 34.28
CA THR B 509 -6.88 20.80 33.18
C THR B 509 -6.81 19.50 32.38
N SER B 510 -5.62 19.20 31.86
CA SER B 510 -5.46 18.08 30.96
C SER B 510 -5.70 16.76 31.67
N ILE B 511 -5.14 16.59 32.86
CA ILE B 511 -5.30 15.33 33.60
C ILE B 511 -6.74 15.15 34.05
N THR B 512 -7.40 16.22 34.50
CA THR B 512 -8.76 16.07 35.02
C THR B 512 -9.75 15.79 33.90
N ALA B 513 -9.65 16.53 32.79
CA ALA B 513 -10.53 16.29 31.65
C ALA B 513 -10.26 14.93 31.02
N SER B 514 -8.99 14.53 30.97
CA SER B 514 -8.63 13.23 30.43
C SER B 514 -9.17 12.11 31.30
N ILE B 515 -9.18 12.30 32.62
CA ILE B 515 -9.68 11.27 33.54
C ILE B 515 -11.19 11.13 33.40
N ILE B 516 -11.93 12.25 33.40
CA ILE B 516 -13.39 12.14 33.35
C ILE B 516 -13.85 11.64 31.98
N SER B 517 -13.15 12.05 30.91
CA SER B 517 -13.46 11.53 29.60
C SER B 517 -13.14 10.05 29.51
N PHE B 518 -12.04 9.62 30.14
CA PHE B 518 -11.65 8.23 30.13
C PHE B 518 -12.65 7.35 30.89
N ILE B 519 -13.26 7.90 31.94
CA ILE B 519 -14.33 7.21 32.65
C ILE B 519 -15.52 7.00 31.71
N ILE B 520 -15.87 8.04 30.95
CA ILE B 520 -16.97 7.90 29.98
C ILE B 520 -16.58 6.92 28.88
N ILE B 521 -15.29 6.91 28.50
CA ILE B 521 -14.75 5.97 27.51
C ILE B 521 -14.98 4.54 27.95
N MET B 522 -14.71 4.25 29.23
CA MET B 522 -14.83 2.88 29.72
C MET B 522 -16.29 2.43 29.80
N ILE B 523 -17.17 3.29 30.31
CA ILE B 523 -18.56 2.84 30.42
C ILE B 523 -19.22 2.76 29.05
N LEU B 524 -18.85 3.66 28.13
CA LEU B 524 -19.31 3.58 26.76
C LEU B 524 -18.67 2.42 26.01
N ASN B 525 -17.50 1.95 26.47
CA ASN B 525 -16.92 0.73 25.93
C ASN B 525 -17.74 -0.48 26.29
N THR B 526 -18.21 -0.55 27.55
CA THR B 526 -19.11 -1.65 27.92
C THR B 526 -20.41 -1.58 27.14
N ILE B 527 -20.93 -0.36 26.95
CA ILE B 527 -22.09 -0.14 26.10
C ILE B 527 -21.84 -0.64 24.68
N TYR B 528 -20.66 -0.33 24.12
CA TYR B 528 -20.36 -0.68 22.74
C TYR B 528 -20.17 -2.18 22.57
N GLU B 529 -19.58 -2.83 23.57
CA GLU B 529 -19.59 -4.30 23.65
C GLU B 529 -21.00 -4.84 23.50
N LYS B 530 -21.93 -4.28 24.27
CA LYS B 530 -23.28 -4.82 24.25
C LYS B 530 -24.01 -4.52 22.94
N VAL B 531 -23.84 -3.32 22.37
CA VAL B 531 -24.66 -3.03 21.20
C VAL B 531 -24.04 -3.74 19.99
N ALA B 532 -22.72 -3.95 20.00
CA ALA B 532 -22.11 -4.68 18.90
C ALA B 532 -22.43 -6.17 18.98
N ILE B 533 -22.54 -6.72 20.20
CA ILE B 533 -22.92 -8.12 20.28
C ILE B 533 -24.41 -8.29 19.93
N MET B 534 -25.25 -7.28 20.20
CA MET B 534 -26.64 -7.35 19.76
C MET B 534 -26.76 -7.20 18.25
N ILE B 535 -25.89 -6.39 17.64
CA ILE B 535 -25.93 -6.20 16.20
C ILE B 535 -25.49 -7.46 15.49
N THR B 536 -24.38 -8.07 15.93
CA THR B 536 -23.95 -9.30 15.30
C THR B 536 -24.79 -10.50 15.70
N ASN B 537 -25.65 -10.38 16.72
CA ASN B 537 -26.64 -11.40 16.95
C ASN B 537 -27.91 -11.17 16.15
N PHE B 538 -28.18 -9.93 15.75
CA PHE B 538 -29.31 -9.66 14.86
C PHE B 538 -29.06 -10.24 13.48
N GLU B 539 -27.84 -10.10 12.98
CA GLU B 539 -27.40 -10.88 11.84
C GLU B 539 -27.33 -12.35 12.26
N LEU B 540 -27.60 -13.25 11.30
CA LEU B 540 -27.44 -14.68 11.53
C LEU B 540 -26.10 -15.11 10.97
N PRO B 541 -25.09 -15.38 11.80
CA PRO B 541 -23.84 -15.92 11.27
C PRO B 541 -23.90 -17.43 11.17
N ARG B 542 -23.34 -17.94 10.08
CA ARG B 542 -23.48 -19.37 9.81
C ARG B 542 -22.58 -20.21 10.70
N THR B 543 -21.34 -19.79 10.89
CA THR B 543 -20.38 -20.56 11.67
C THR B 543 -19.85 -19.66 12.76
N GLN B 544 -19.31 -20.28 13.82
CA GLN B 544 -18.71 -19.54 14.93
C GLN B 544 -17.50 -18.75 14.48
N THR B 545 -16.73 -19.27 13.50
CA THR B 545 -15.56 -18.55 13.00
C THR B 545 -15.97 -17.33 12.20
N ASP B 546 -16.98 -17.45 11.35
CA ASP B 546 -17.47 -16.28 10.63
C ASP B 546 -18.16 -15.30 11.58
N TYR B 547 -18.78 -15.83 12.64
CA TYR B 547 -19.36 -15.01 13.69
C TYR B 547 -18.30 -14.18 14.38
N GLU B 548 -17.18 -14.79 14.74
CA GLU B 548 -16.15 -14.06 15.44
C GLU B 548 -15.32 -13.18 14.52
N ASN B 549 -15.25 -13.49 13.22
CA ASN B 549 -14.61 -12.57 12.29
C ASN B 549 -15.45 -11.31 12.09
N SER B 550 -16.75 -11.48 11.91
CA SER B 550 -17.64 -10.33 11.78
C SER B 550 -17.70 -9.53 13.07
N LEU B 551 -17.71 -10.23 14.21
CA LEU B 551 -17.66 -9.58 15.50
C LEU B 551 -16.33 -8.85 15.70
N THR B 552 -15.24 -9.42 15.20
CA THR B 552 -13.93 -8.80 15.29
C THR B 552 -13.91 -7.48 14.52
N MET B 553 -14.43 -7.49 13.31
CA MET B 553 -14.45 -6.28 12.50
C MET B 553 -15.34 -5.20 13.11
N LYS B 554 -16.57 -5.57 13.48
CA LYS B 554 -17.51 -4.57 14.01
C LYS B 554 -17.08 -4.08 15.38
N MET B 555 -16.63 -4.99 16.24
CA MET B 555 -16.19 -4.66 17.58
C MET B 555 -14.95 -3.79 17.55
N PHE B 556 -13.98 -4.13 16.69
CA PHE B 556 -12.79 -3.30 16.57
C PHE B 556 -13.11 -1.95 15.96
N LEU B 557 -14.06 -1.87 15.02
CA LEU B 557 -14.40 -0.58 14.46
C LEU B 557 -15.04 0.33 15.51
N PHE B 558 -15.94 -0.24 16.32
CA PHE B 558 -16.52 0.53 17.42
C PHE B 558 -15.47 0.92 18.43
N GLN B 559 -14.51 0.03 18.70
CA GLN B 559 -13.48 0.31 19.68
C GLN B 559 -12.48 1.32 19.19
N PHE B 560 -12.12 1.23 17.91
CA PHE B 560 -11.30 2.23 17.23
C PHE B 560 -11.92 3.59 17.37
N VAL B 561 -13.21 3.69 17.01
CA VAL B 561 -13.94 4.95 17.09
C VAL B 561 -13.94 5.48 18.51
N ASN B 562 -14.29 4.61 19.46
CA ASN B 562 -14.44 4.99 20.85
C ASN B 562 -13.13 5.47 21.44
N TYR B 563 -12.05 4.71 21.24
CA TYR B 563 -10.82 5.05 21.92
C TYR B 563 -10.05 6.15 21.22
N TYR B 564 -9.97 6.15 19.89
CA TYR B 564 -9.10 7.11 19.23
C TYR B 564 -9.83 8.28 18.63
N SER B 565 -11.15 8.41 18.79
CA SER B 565 -11.79 9.55 18.15
C SER B 565 -11.53 10.84 18.91
N SER B 566 -11.40 10.75 20.23
CA SER B 566 -10.97 11.92 21.00
C SER B 566 -9.56 12.32 20.63
N CYS B 567 -8.67 11.34 20.46
CA CYS B 567 -7.30 11.62 20.10
C CYS B 567 -7.21 12.17 18.67
N PHE B 568 -8.04 11.67 17.77
CA PHE B 568 -8.07 12.20 16.42
C PHE B 568 -8.66 13.60 16.38
N TYR B 569 -9.62 13.88 17.27
CA TYR B 569 -10.14 15.23 17.39
C TYR B 569 -9.05 16.20 17.84
N ILE B 570 -8.31 15.83 18.89
CA ILE B 570 -7.23 16.68 19.41
C ILE B 570 -6.11 16.83 18.38
N ALA B 571 -5.84 15.76 17.62
CA ALA B 571 -4.75 15.80 16.66
C ALA B 571 -5.11 16.63 15.43
N PHE B 572 -6.22 16.31 14.76
CA PHE B 572 -6.49 16.82 13.44
C PHE B 572 -7.68 17.76 13.35
N PHE B 573 -8.53 17.85 14.35
CA PHE B 573 -9.69 18.72 14.25
C PHE B 573 -9.72 19.83 15.28
N LYS B 574 -9.13 19.63 16.45
CA LYS B 574 -9.18 20.64 17.49
C LYS B 574 -8.24 21.78 17.13
N GLY B 575 -8.79 22.98 16.99
CA GLY B 575 -8.00 24.16 16.70
C GLY B 575 -7.46 24.23 15.30
N LYS B 576 -7.78 23.27 14.44
CA LYS B 576 -7.25 23.26 13.09
C LYS B 576 -8.10 24.08 12.15
N PHE B 577 -9.40 24.13 12.39
CA PHE B 577 -10.31 24.80 11.50
C PHE B 577 -10.78 26.14 12.03
N VAL B 578 -10.26 26.57 13.16
CA VAL B 578 -10.63 27.88 13.66
C VAL B 578 -9.92 28.94 12.83
N GLY B 579 -10.64 30.01 12.51
CA GLY B 579 -10.00 31.09 11.79
C GLY B 579 -9.47 32.14 12.72
N TYR B 580 -9.39 33.36 12.23
CA TYR B 580 -8.91 34.50 13.00
C TYR B 580 -9.97 34.89 14.04
N PRO B 581 -9.59 35.67 15.07
CA PRO B 581 -10.58 36.09 16.07
C PRO B 581 -11.74 36.87 15.50
N GLY B 582 -11.51 37.70 14.49
CA GLY B 582 -12.60 38.20 13.70
C GLY B 582 -13.25 37.03 12.97
N ASP B 583 -14.57 36.90 13.08
CA ASP B 583 -15.37 35.79 12.55
C ASP B 583 -14.83 34.43 12.99
N PRO B 584 -14.96 34.04 14.26
CA PRO B 584 -14.56 32.69 14.65
C PRO B 584 -15.54 31.67 14.09
N VAL B 585 -15.08 30.43 14.02
CA VAL B 585 -15.90 29.38 13.43
C VAL B 585 -16.87 28.88 14.49
N TYR B 586 -18.12 29.35 14.42
CA TYR B 586 -19.20 28.80 15.22
C TYR B 586 -19.79 27.63 14.44
N LEU B 587 -19.76 26.44 15.05
CA LEU B 587 -20.04 25.22 14.30
C LEU B 587 -21.51 25.13 13.91
N LEU B 588 -22.41 25.53 14.81
CA LEU B 588 -23.85 25.59 14.51
C LEU B 588 -24.46 26.90 14.96
N GLY B 589 -23.64 27.93 15.13
CA GLY B 589 -24.12 29.16 15.75
C GLY B 589 -23.96 29.08 17.25
N LYS B 590 -23.28 30.08 17.83
CA LYS B 590 -22.94 30.15 19.25
C LYS B 590 -22.15 28.92 19.70
N TYR B 591 -21.29 28.42 18.81
CA TYR B 591 -20.53 27.19 18.97
C TYR B 591 -19.08 27.40 18.57
N ARG B 592 -18.45 28.43 19.14
CA ARG B 592 -17.06 28.78 18.83
C ARG B 592 -16.12 27.62 19.17
N SER B 593 -15.36 27.18 18.19
CA SER B 593 -14.44 26.08 18.41
C SER B 593 -13.23 26.56 19.20
N GLU B 594 -12.50 25.59 19.74
CA GLU B 594 -11.51 25.82 20.78
C GLU B 594 -10.15 26.10 20.14
N GLU B 595 -9.72 27.36 20.19
CA GLU B 595 -8.36 27.69 19.79
C GLU B 595 -7.38 27.02 20.73
N CYS B 596 -6.28 26.56 20.16
CA CYS B 596 -5.32 25.82 20.95
C CYS B 596 -4.31 26.76 21.59
N ASP B 597 -3.48 26.19 22.45
CA ASP B 597 -2.34 26.91 23.00
C ASP B 597 -1.32 27.17 21.89
N PRO B 598 -0.48 28.20 22.03
CA PRO B 598 0.48 28.51 20.95
C PRO B 598 1.56 27.46 20.77
N GLY B 599 1.86 26.65 21.79
CA GLY B 599 2.76 25.54 21.58
C GLY B 599 2.15 24.45 20.73
N GLY B 600 0.83 24.41 20.66
CA GLY B 600 0.12 23.42 19.90
C GLY B 600 -0.72 22.52 20.79
N CYS B 601 -1.61 21.78 20.14
CA CYS B 601 -2.39 20.76 20.82
C CYS B 601 -1.63 19.46 20.99
N LEU B 602 -0.31 19.46 20.79
CA LEU B 602 0.45 18.25 20.94
C LEU B 602 0.57 17.83 22.40
N LEU B 603 0.70 18.80 23.30
CA LEU B 603 0.86 18.47 24.71
C LEU B 603 -0.46 17.97 25.30
N GLU B 604 -1.57 18.58 24.90
CA GLU B 604 -2.88 18.07 25.30
C GLU B 604 -3.11 16.68 24.75
N LEU B 605 -2.69 16.44 23.51
CA LEU B 605 -2.75 15.11 22.92
C LEU B 605 -1.87 14.14 23.70
N THR B 606 -0.71 14.59 24.16
CA THR B 606 0.21 13.75 24.90
C THR B 606 -0.38 13.33 26.24
N THR B 607 -0.96 14.27 26.96
CA THR B 607 -1.56 13.96 28.25
C THR B 607 -2.79 13.08 28.08
N GLN B 608 -3.61 13.35 27.07
CA GLN B 608 -4.78 12.52 26.80
C GLN B 608 -4.36 11.10 26.41
N LEU B 609 -3.27 11.00 25.64
CA LEU B 609 -2.76 9.70 25.23
C LEU B 609 -2.24 8.90 26.40
N THR B 610 -1.42 9.53 27.24
CA THR B 610 -0.85 8.76 28.34
C THR B 610 -1.89 8.46 29.40
N ILE B 611 -2.91 9.31 29.57
CA ILE B 611 -3.98 8.99 30.50
C ILE B 611 -4.84 7.86 29.97
N ILE B 612 -5.27 7.94 28.71
CA ILE B 612 -6.11 6.88 28.15
C ILE B 612 -5.36 5.56 28.06
N MET B 613 -4.09 5.60 27.64
CA MET B 613 -3.30 4.39 27.51
C MET B 613 -2.98 3.77 28.86
N GLY B 614 -2.36 4.55 29.76
CA GLY B 614 -1.99 4.01 31.05
C GLY B 614 -3.19 3.73 31.93
N GLY B 615 -4.28 4.47 31.77
CA GLY B 615 -5.46 4.21 32.55
C GLY B 615 -6.21 2.99 32.06
N LYS B 616 -6.22 2.76 30.74
CA LYS B 616 -6.77 1.51 30.25
C LYS B 616 -5.93 0.34 30.69
N ALA B 617 -4.60 0.53 30.75
CA ALA B 617 -3.70 -0.50 31.27
C ALA B 617 -4.00 -0.82 32.72
N ILE B 618 -4.00 0.21 33.57
CA ILE B 618 -4.19 0.03 35.00
C ILE B 618 -5.58 -0.51 35.30
N TRP B 619 -6.62 0.16 34.80
CA TRP B 619 -7.98 -0.24 35.11
C TRP B 619 -8.36 -1.55 34.43
N ASN B 620 -7.76 -1.87 33.30
CA ASN B 620 -8.07 -3.14 32.68
C ASN B 620 -7.39 -4.29 33.40
N ASN B 621 -6.19 -4.07 33.92
CA ASN B 621 -5.57 -5.12 34.74
C ASN B 621 -6.30 -5.27 36.07
N ILE B 622 -6.76 -4.15 36.65
CA ILE B 622 -7.54 -4.20 37.87
C ILE B 622 -8.86 -4.93 37.66
N GLN B 623 -9.52 -4.68 36.54
CA GLN B 623 -10.73 -5.42 36.20
C GLN B 623 -10.44 -6.89 35.95
N GLU B 624 -9.35 -7.17 35.21
CA GLU B 624 -8.98 -8.54 34.86
C GLU B 624 -8.62 -9.36 36.10
N VAL B 625 -8.05 -8.73 37.12
CA VAL B 625 -7.84 -9.43 38.38
C VAL B 625 -9.14 -9.56 39.15
N LEU B 626 -9.80 -8.43 39.42
CA LEU B 626 -10.79 -8.38 40.49
C LEU B 626 -12.10 -9.02 40.09
N LEU B 627 -12.59 -8.73 38.88
CA LEU B 627 -13.92 -9.18 38.45
C LEU B 627 -14.10 -10.70 38.45
N PRO B 628 -13.15 -11.52 37.92
CA PRO B 628 -13.26 -12.96 38.20
C PRO B 628 -13.04 -13.31 39.66
N TRP B 629 -12.16 -12.57 40.34
CA TRP B 629 -11.88 -12.85 41.74
C TRP B 629 -13.08 -12.52 42.62
N VAL B 630 -13.72 -11.37 42.40
CA VAL B 630 -14.88 -11.04 43.22
C VAL B 630 -16.08 -11.89 42.85
N MET B 631 -16.16 -12.33 41.58
CA MET B 631 -17.25 -13.23 41.22
C MET B 631 -17.07 -14.60 41.87
N ASN B 632 -15.84 -15.08 41.92
CA ASN B 632 -15.56 -16.32 42.65
C ASN B 632 -15.74 -16.15 44.15
N LEU B 633 -15.48 -14.94 44.66
CA LEU B 633 -15.63 -14.70 46.09
C LEU B 633 -17.10 -14.71 46.50
N ILE B 634 -17.97 -14.07 45.71
CA ILE B 634 -19.39 -14.09 46.03
C ILE B 634 -20.00 -15.45 45.69
N GLY B 635 -19.35 -16.22 44.81
CA GLY B 635 -19.76 -17.60 44.64
C GLY B 635 -19.42 -18.45 45.84
N ARG B 636 -18.21 -18.28 46.38
CA ARG B 636 -17.75 -19.04 47.53
C ARG B 636 -18.46 -18.64 48.81
N TYR B 637 -18.99 -17.40 48.88
CA TYR B 637 -19.73 -16.99 50.05
C TYR B 637 -21.09 -17.67 50.15
N LYS B 638 -21.59 -18.25 49.06
CA LYS B 638 -22.78 -19.08 49.11
C LYS B 638 -22.42 -20.49 49.56
N THR B 647 -13.33 -32.92 49.65
CA THR B 647 -14.20 -32.37 48.61
C THR B 647 -13.62 -32.67 47.20
N PRO B 648 -14.50 -33.00 46.25
CA PRO B 648 -14.03 -33.47 44.95
C PRO B 648 -13.42 -32.36 44.09
N ARG B 649 -12.64 -32.82 43.10
CA ARG B 649 -11.89 -31.94 42.20
C ARG B 649 -12.83 -31.13 41.30
N TRP B 650 -13.76 -31.81 40.62
CA TRP B 650 -14.63 -31.15 39.66
C TRP B 650 -15.59 -30.19 40.34
N GLU B 651 -15.91 -30.45 41.61
CA GLU B 651 -16.68 -29.49 42.40
C GLU B 651 -15.89 -28.20 42.59
N GLN B 652 -14.59 -28.31 42.84
CA GLN B 652 -13.76 -27.12 42.96
C GLN B 652 -13.64 -26.39 41.64
N ASP B 653 -13.48 -27.14 40.54
CA ASP B 653 -13.29 -26.51 39.24
C ASP B 653 -14.62 -25.99 38.69
N TYR B 654 -15.75 -26.44 39.25
CA TYR B 654 -17.05 -25.93 38.83
C TYR B 654 -17.22 -24.48 39.21
N HIS B 655 -16.86 -24.12 40.44
CA HIS B 655 -17.09 -22.77 40.95
C HIS B 655 -15.94 -21.87 40.51
N LEU B 656 -15.90 -21.64 39.21
CA LEU B 656 -14.98 -20.69 38.59
C LEU B 656 -15.80 -19.98 37.53
N GLN B 657 -15.49 -18.73 37.27
CA GLN B 657 -16.18 -18.04 36.19
C GLN B 657 -15.75 -18.66 34.86
N PRO B 658 -16.69 -19.13 34.04
CA PRO B 658 -16.31 -19.68 32.74
C PRO B 658 -15.81 -18.59 31.81
N MET B 659 -14.96 -19.00 30.87
CA MET B 659 -14.24 -18.03 30.03
C MET B 659 -15.17 -17.33 29.06
N GLY B 660 -16.16 -18.02 28.54
CA GLY B 660 -17.03 -17.47 27.53
C GLY B 660 -16.75 -18.09 26.17
N LYS B 661 -17.69 -17.85 25.25
CA LYS B 661 -17.56 -18.44 23.91
C LYS B 661 -16.44 -17.77 23.12
N LEU B 662 -16.22 -16.48 23.33
CA LEU B 662 -15.15 -15.79 22.63
C LEU B 662 -13.79 -16.16 23.19
N GLY B 663 -13.62 -16.01 24.51
CA GLY B 663 -12.39 -16.40 25.15
C GLY B 663 -11.32 -15.32 25.15
N LEU B 664 -10.24 -15.56 24.40
CA LEU B 664 -9.11 -14.66 24.37
C LEU B 664 -9.33 -13.41 23.54
N PHE B 665 -10.50 -13.33 22.89
CA PHE B 665 -10.82 -12.30 21.91
C PHE B 665 -10.59 -10.90 22.47
N TYR B 666 -11.26 -10.59 23.59
CA TYR B 666 -11.12 -9.30 24.25
C TYR B 666 -9.68 -9.03 24.66
N GLU B 667 -8.97 -10.09 25.06
CA GLU B 667 -7.55 -9.99 25.40
C GLU B 667 -6.76 -9.43 24.21
N TYR B 668 -6.91 -10.07 23.04
CA TYR B 668 -6.29 -9.59 21.81
C TYR B 668 -6.69 -8.16 21.54
N LEU B 669 -7.98 -7.88 21.77
CA LEU B 669 -8.58 -6.59 21.49
C LEU B 669 -7.85 -5.49 22.24
N GLU B 670 -7.59 -5.72 23.53
CA GLU B 670 -7.02 -4.61 24.31
C GLU B 670 -5.59 -4.37 23.90
N MET B 671 -4.86 -5.43 23.56
CA MET B 671 -3.48 -5.23 23.11
C MET B 671 -3.44 -4.56 21.76
N ILE B 672 -4.43 -4.86 20.89
CA ILE B 672 -4.48 -4.19 19.61
C ILE B 672 -4.75 -2.72 19.82
N ILE B 673 -5.60 -2.41 20.81
CA ILE B 673 -5.84 -1.01 21.16
C ILE B 673 -4.57 -0.39 21.70
N GLN B 674 -3.82 -1.15 22.50
CA GLN B 674 -2.52 -0.67 22.99
C GLN B 674 -1.57 -0.44 21.83
N PHE B 675 -1.63 -1.32 20.83
CA PHE B 675 -0.82 -1.17 19.64
C PHE B 675 -1.17 0.09 18.87
N GLY B 676 -2.46 0.46 18.88
CA GLY B 676 -2.84 1.69 18.24
C GLY B 676 -2.37 2.92 18.97
N PHE B 677 -2.00 2.78 20.24
CA PHE B 677 -1.33 3.87 20.91
C PHE B 677 0.18 3.82 20.70
N VAL B 678 0.73 2.61 20.50
CA VAL B 678 2.16 2.49 20.30
C VAL B 678 2.52 3.00 18.92
N THR B 679 1.62 2.89 17.96
CA THR B 679 1.96 3.13 16.56
C THR B 679 1.36 4.40 16.00
N LEU B 680 0.05 4.62 16.17
CA LEU B 680 -0.62 5.68 15.44
C LEU B 680 -0.26 7.05 15.99
N PHE B 681 0.10 7.14 17.26
CA PHE B 681 0.34 8.43 17.89
C PHE B 681 1.75 8.52 18.47
N VAL B 682 2.69 7.77 17.90
CA VAL B 682 4.01 7.67 18.48
C VAL B 682 4.83 8.92 18.27
N ALA B 683 4.41 9.80 17.37
CA ALA B 683 5.17 11.00 17.15
C ALA B 683 4.92 12.05 18.21
N SER B 684 3.91 11.86 19.06
CA SER B 684 3.64 12.83 20.11
C SER B 684 4.61 12.66 21.27
N PHE B 685 4.62 11.49 21.90
CA PHE B 685 5.55 11.27 22.99
C PHE B 685 6.30 9.96 22.76
N PRO B 686 7.63 9.96 22.90
CA PRO B 686 8.42 8.77 22.59
C PRO B 686 8.35 7.68 23.64
N LEU B 687 7.76 7.93 24.81
CA LEU B 687 7.74 6.94 25.88
C LEU B 687 6.57 5.97 25.77
N ALA B 688 5.84 6.01 24.65
CA ALA B 688 4.76 5.06 24.45
C ALA B 688 5.22 3.61 24.38
N PRO B 689 6.34 3.23 23.74
CA PRO B 689 6.81 1.86 23.91
C PRO B 689 7.31 1.55 25.30
N LEU B 690 7.77 2.54 26.07
CA LEU B 690 8.19 2.25 27.44
C LEU B 690 7.00 1.92 28.33
N LEU B 691 5.94 2.73 28.25
CA LEU B 691 4.71 2.46 28.97
C LEU B 691 4.08 1.16 28.51
N ALA B 692 4.15 0.88 27.21
CA ALA B 692 3.67 -0.40 26.71
C ALA B 692 4.51 -1.55 27.23
N LEU B 693 5.81 -1.35 27.42
CA LEU B 693 6.67 -2.42 27.90
C LEU B 693 6.39 -2.72 29.37
N VAL B 694 6.29 -1.67 30.18
CA VAL B 694 6.03 -1.86 31.60
C VAL B 694 4.60 -2.35 31.81
N ASN B 695 3.71 -2.08 30.86
CA ASN B 695 2.39 -2.68 30.95
C ASN B 695 2.42 -4.13 30.53
N ASN B 696 3.20 -4.47 29.51
CA ASN B 696 3.15 -5.81 28.95
C ASN B 696 3.83 -6.82 29.86
N ILE B 697 4.86 -6.39 30.58
CA ILE B 697 5.55 -7.27 31.52
C ILE B 697 4.60 -7.73 32.60
N LEU B 698 3.78 -6.83 33.12
CA LEU B 698 2.72 -7.22 34.04
C LEU B 698 1.54 -7.85 33.32
N GLU B 699 1.38 -7.60 32.02
CA GLU B 699 0.19 -8.06 31.32
C GLU B 699 0.27 -9.56 31.06
N ILE B 700 1.46 -10.05 30.77
CA ILE B 700 1.68 -11.50 30.69
C ILE B 700 1.32 -12.15 32.02
N ARG B 701 1.68 -11.51 33.13
CA ARG B 701 1.44 -12.10 34.44
C ARG B 701 -0.02 -12.01 34.85
N VAL B 702 -0.72 -10.94 34.48
CA VAL B 702 -2.11 -10.86 34.90
C VAL B 702 -2.99 -11.78 34.03
N ASP B 703 -2.69 -11.86 32.72
CA ASP B 703 -3.42 -12.80 31.88
C ASP B 703 -3.12 -14.24 32.27
N ALA B 704 -1.85 -14.52 32.57
CA ALA B 704 -1.43 -15.81 33.07
C ALA B 704 -2.11 -16.17 34.38
N TRP B 705 -2.18 -15.20 35.30
CA TRP B 705 -2.66 -15.49 36.64
C TRP B 705 -4.16 -15.68 36.64
N LYS B 706 -4.90 -14.85 35.90
CA LYS B 706 -6.34 -15.04 35.86
C LYS B 706 -6.70 -16.29 35.08
N LEU B 707 -5.90 -16.63 34.06
CA LEU B 707 -6.18 -17.82 33.29
C LEU B 707 -5.86 -19.08 34.07
N THR B 708 -4.87 -19.01 34.96
CA THR B 708 -4.54 -20.19 35.76
C THR B 708 -5.46 -20.32 36.96
N THR B 709 -5.63 -19.24 37.72
CA THR B 709 -6.37 -19.32 38.97
C THR B 709 -7.87 -19.23 38.73
N GLN B 710 -8.32 -18.15 38.07
CA GLN B 710 -9.71 -17.76 38.22
C GLN B 710 -10.65 -18.39 37.19
N PHE B 711 -10.17 -18.66 35.99
CA PHE B 711 -11.04 -19.10 34.91
C PHE B 711 -11.05 -20.62 34.78
N ARG B 712 -12.16 -21.14 34.29
CA ARG B 712 -12.23 -22.53 33.88
C ARG B 712 -11.30 -22.76 32.70
N ARG B 713 -10.79 -23.98 32.60
CA ARG B 713 -9.85 -24.30 31.53
C ARG B 713 -10.56 -24.29 30.18
N MET B 714 -10.14 -23.38 29.31
CA MET B 714 -10.65 -23.33 27.95
C MET B 714 -10.23 -24.56 27.18
N VAL B 715 -11.10 -25.02 26.28
CA VAL B 715 -10.80 -26.19 25.47
C VAL B 715 -9.66 -25.87 24.52
N PRO B 716 -8.61 -26.70 24.45
CA PRO B 716 -7.50 -26.42 23.55
C PRO B 716 -7.91 -26.62 22.10
N GLU B 717 -7.54 -25.67 21.26
CA GLU B 717 -7.78 -25.76 19.83
C GLU B 717 -6.77 -24.87 19.11
N LYS B 718 -6.27 -25.36 17.98
CA LYS B 718 -5.14 -24.76 17.31
C LYS B 718 -5.55 -23.64 16.38
N ALA B 719 -4.79 -22.55 16.41
CA ALA B 719 -4.91 -21.46 15.45
C ALA B 719 -3.52 -21.16 14.90
N GLN B 720 -3.44 -20.94 13.59
CA GLN B 720 -2.16 -20.76 12.92
C GLN B 720 -1.65 -19.33 12.97
N ASP B 721 -2.42 -18.42 13.55
CA ASP B 721 -2.09 -17.00 13.60
C ASP B 721 -2.94 -16.37 14.70
N ILE B 722 -2.86 -15.04 14.83
CA ILE B 722 -3.74 -14.36 15.77
C ILE B 722 -5.16 -14.33 15.24
N GLY B 723 -5.34 -14.46 13.93
CA GLY B 723 -6.65 -14.55 13.35
C GLY B 723 -7.02 -13.33 12.54
N ALA B 724 -8.22 -12.80 12.76
CA ALA B 724 -8.67 -11.63 12.04
C ALA B 724 -8.02 -10.35 12.54
N TRP B 725 -7.26 -10.42 13.63
CA TRP B 725 -6.53 -9.26 14.10
C TRP B 725 -5.31 -8.97 13.25
N GLN B 726 -4.82 -9.92 12.47
CA GLN B 726 -3.65 -9.69 11.63
C GLN B 726 -3.89 -8.72 10.47
N PRO B 727 -5.00 -8.79 9.70
CA PRO B 727 -5.26 -7.69 8.77
C PRO B 727 -5.57 -6.39 9.45
N ILE B 728 -6.12 -6.45 10.67
CA ILE B 728 -6.34 -5.25 11.46
C ILE B 728 -5.02 -4.60 11.81
N MET B 729 -4.02 -5.41 12.16
CA MET B 729 -2.71 -4.88 12.52
C MET B 729 -1.98 -4.35 11.30
N GLN B 730 -2.13 -5.01 10.15
CA GLN B 730 -1.52 -4.45 8.95
C GLN B 730 -2.19 -3.17 8.52
N GLY B 731 -3.51 -3.05 8.71
CA GLY B 731 -4.19 -1.80 8.41
C GLY B 731 -3.80 -0.71 9.38
N ILE B 732 -3.59 -1.06 10.65
CA ILE B 732 -3.09 -0.11 11.63
C ILE B 732 -1.67 0.32 11.27
N ALA B 733 -0.88 -0.60 10.73
CA ALA B 733 0.48 -0.28 10.33
C ALA B 733 0.51 0.66 9.14
N ILE B 734 -0.36 0.45 8.16
CA ILE B 734 -0.43 1.35 7.02
C ILE B 734 -1.00 2.70 7.42
N LEU B 735 -1.99 2.70 8.32
CA LEU B 735 -2.55 3.93 8.80
C LEU B 735 -1.58 4.69 9.70
N ALA B 736 -0.61 3.99 10.30
CA ALA B 736 0.31 4.62 11.23
C ALA B 736 1.24 5.59 10.53
N VAL B 737 1.62 5.31 9.28
CA VAL B 737 2.51 6.20 8.55
C VAL B 737 1.80 7.50 8.24
N VAL B 738 0.57 7.40 7.74
CA VAL B 738 -0.24 8.58 7.45
C VAL B 738 -0.52 9.36 8.72
N THR B 739 -0.81 8.65 9.81
CA THR B 739 -1.20 9.30 11.04
C THR B 739 -0.03 10.00 11.71
N ASN B 740 1.15 9.36 11.70
CA ASN B 740 2.35 9.99 12.21
C ASN B 740 2.78 11.16 11.33
N ALA B 741 2.58 11.06 10.02
CA ALA B 741 2.91 12.17 9.15
C ALA B 741 2.02 13.37 9.42
N MET B 742 0.72 13.14 9.60
CA MET B 742 -0.15 14.24 9.96
C MET B 742 0.06 14.71 11.39
N ILE B 743 0.66 13.89 12.26
CA ILE B 743 0.96 14.38 13.60
C ILE B 743 2.20 15.26 13.60
N ILE B 744 3.23 14.87 12.86
CA ILE B 744 4.42 15.71 12.78
C ILE B 744 4.14 16.99 12.00
N ALA B 745 3.34 16.89 10.94
CA ALA B 745 3.03 18.07 10.16
C ALA B 745 1.94 18.90 10.82
N PHE B 746 0.76 18.32 11.01
CA PHE B 746 -0.42 19.06 11.40
C PHE B 746 -0.56 19.24 12.90
N THR B 747 -0.21 18.23 13.71
CA THR B 747 -0.39 18.40 15.14
C THR B 747 0.74 19.19 15.78
N SER B 748 1.98 18.71 15.65
CA SER B 748 3.10 19.40 16.26
C SER B 748 3.43 20.67 15.48
N ASP B 749 4.30 21.49 16.06
CA ASP B 749 4.77 22.69 15.40
C ASP B 749 6.23 22.58 14.99
N MET B 750 6.73 21.35 14.80
CA MET B 750 8.11 21.14 14.39
C MET B 750 8.38 21.68 13.00
N ILE B 751 7.44 21.55 12.08
CA ILE B 751 7.59 22.01 10.72
C ILE B 751 7.62 23.55 10.61
N PRO B 752 6.79 24.33 11.34
CA PRO B 752 6.99 25.79 11.26
C PRO B 752 8.32 26.30 11.77
N ARG B 753 8.87 25.75 12.86
CA ARG B 753 10.18 26.21 13.27
C ARG B 753 11.27 25.65 12.39
N LEU B 754 11.05 24.50 11.75
CA LEU B 754 11.99 24.02 10.76
C LEU B 754 12.06 24.98 9.59
N VAL B 755 10.91 25.50 9.16
CA VAL B 755 10.89 26.49 8.10
C VAL B 755 11.47 27.81 8.58
N TYR B 756 11.28 28.14 9.86
CA TYR B 756 11.85 29.39 10.38
C TYR B 756 13.36 29.35 10.44
N TYR B 757 13.93 28.22 10.85
CA TYR B 757 15.37 28.10 10.90
C TYR B 757 15.95 28.01 9.50
N TRP B 758 15.49 27.06 8.69
CA TRP B 758 16.13 26.84 7.40
C TRP B 758 15.80 27.91 6.40
N SER B 759 14.61 28.50 6.49
CA SER B 759 14.13 29.35 5.42
C SER B 759 13.99 30.80 5.81
N PHE B 760 13.85 31.14 7.09
CA PHE B 760 13.67 32.56 7.40
C PHE B 760 14.58 33.05 8.52
N SER B 761 15.75 32.43 8.67
CA SER B 761 16.90 33.16 9.20
C SER B 761 17.52 34.05 8.15
N ILE B 762 17.21 33.82 6.88
CA ILE B 762 17.71 34.56 5.74
C ILE B 762 17.10 35.97 5.75
N PRO B 763 17.70 36.96 5.08
CA PRO B 763 17.15 38.32 5.13
C PRO B 763 15.83 38.47 4.39
N PRO B 764 15.56 37.73 3.29
CA PRO B 764 14.14 37.80 2.93
C PRO B 764 13.22 37.07 3.89
N THR B 772 19.79 30.84 12.26
CA THR B 772 19.48 30.84 13.68
C THR B 772 18.04 30.47 13.95
N MET B 773 17.76 30.13 15.20
CA MET B 773 16.40 29.83 15.62
C MET B 773 15.80 30.93 16.48
N ASP B 774 16.57 31.93 16.88
CA ASP B 774 16.06 32.95 17.78
C ASP B 774 15.09 33.89 17.05
N GLY B 775 14.11 34.38 17.80
CA GLY B 775 13.09 35.21 17.22
C GLY B 775 11.96 34.46 16.56
N TYR B 776 11.71 33.21 16.97
CA TYR B 776 10.72 32.38 16.29
C TYR B 776 9.30 32.69 16.77
N ILE B 777 9.15 33.03 18.04
CA ILE B 777 7.82 33.16 18.62
C ILE B 777 7.18 34.49 18.23
N ASN B 778 7.94 35.58 18.17
CA ASN B 778 7.33 36.82 17.70
C ASN B 778 7.08 36.78 16.20
N ASN B 779 7.87 36.00 15.46
CA ASN B 779 7.72 35.98 14.01
C ASN B 779 6.70 34.96 13.54
N THR B 780 6.25 34.05 14.40
CA THR B 780 5.23 33.11 13.99
C THR B 780 3.83 33.73 14.03
N LEU B 781 3.46 34.33 15.16
CA LEU B 781 2.08 34.70 15.43
C LEU B 781 1.63 35.91 14.62
N SER B 782 0.34 36.22 14.71
CA SER B 782 -0.29 37.29 13.96
C SER B 782 -1.01 38.26 14.88
N VAL B 783 -0.78 39.55 14.65
CA VAL B 783 -1.37 40.58 15.50
C VAL B 783 -2.83 40.78 15.08
N PHE B 784 -3.68 41.15 16.04
CA PHE B 784 -5.12 41.25 15.84
C PHE B 784 -5.63 42.60 16.31
N ASN B 785 -6.36 43.30 15.45
CA ASN B 785 -7.01 44.55 15.83
C ASN B 785 -8.36 44.24 16.47
N ILE B 786 -8.69 45.00 17.51
CA ILE B 786 -9.85 44.70 18.35
C ILE B 786 -11.16 44.91 17.60
N THR B 787 -11.15 45.71 16.55
CA THR B 787 -12.28 45.84 15.66
C THR B 787 -12.59 44.55 14.90
N CYS B 807 -3.28 41.86 20.43
CA CYS B 807 -2.95 40.51 20.88
C CYS B 807 -2.47 39.66 19.71
N ARG B 808 -1.77 38.56 20.01
CA ARG B 808 -1.08 37.77 18.99
C ARG B 808 -1.52 36.31 19.08
N TYR B 809 -2.62 36.00 18.41
CA TYR B 809 -3.15 34.65 18.36
C TYR B 809 -2.27 33.74 17.51
N ARG B 810 -2.33 32.44 17.80
CA ARG B 810 -1.46 31.48 17.13
C ARG B 810 -2.04 31.14 15.77
N ASP B 811 -1.55 31.81 14.73
CA ASP B 811 -1.92 31.52 13.36
C ASP B 811 -0.90 32.19 12.46
N PHE B 812 -0.90 31.78 11.19
CA PHE B 812 -0.10 32.42 10.16
C PHE B 812 -1.06 33.19 9.27
N ARG B 813 -1.33 34.42 9.64
CA ARG B 813 -2.27 35.23 8.88
C ARG B 813 -1.67 36.60 8.66
N ASN B 814 -1.75 37.06 7.42
CA ASN B 814 -1.37 38.39 6.97
C ASN B 814 -2.05 39.42 7.84
N PRO B 815 -1.31 40.24 8.60
CA PRO B 815 -1.91 41.32 9.38
C PRO B 815 -2.59 42.34 8.48
N PRO B 816 -4.28 43.60 10.75
CA PRO B 816 -4.57 45.03 10.68
C PRO B 816 -3.50 45.85 9.98
N GLY B 817 -3.67 46.12 8.69
CA GLY B 817 -2.74 47.01 8.03
C GLY B 817 -2.13 46.43 6.77
N HIS B 818 -2.13 45.12 6.64
CA HIS B 818 -1.62 44.66 5.36
C HIS B 818 -2.74 44.72 4.32
N PRO B 819 -2.38 44.94 3.05
CA PRO B 819 -3.37 44.87 1.95
C PRO B 819 -4.23 43.61 1.90
N GLN B 820 -3.72 42.47 2.40
CA GLN B 820 -4.51 41.24 2.42
C GLN B 820 -4.72 40.78 3.84
N GLU B 821 -5.10 41.71 4.71
CA GLU B 821 -5.22 41.49 6.15
C GLU B 821 -6.19 40.37 6.50
N TYR B 822 -5.75 39.51 7.41
CA TYR B 822 -6.39 38.30 7.96
C TYR B 822 -6.61 37.20 6.94
N LYS B 823 -6.25 37.40 5.68
CA LYS B 823 -6.09 36.31 4.74
C LYS B 823 -4.75 35.64 5.04
N HIS B 824 -4.60 34.43 4.53
CA HIS B 824 -3.35 33.73 4.74
C HIS B 824 -2.22 34.40 3.97
N ASN B 825 -1.07 34.54 4.60
CA ASN B 825 0.03 35.25 3.98
C ASN B 825 0.93 34.30 3.21
N ILE B 826 2.06 34.84 2.74
CA ILE B 826 3.10 34.05 2.11
C ILE B 826 3.62 32.96 3.04
N TYR B 827 3.75 33.29 4.32
CA TYR B 827 4.39 32.38 5.24
C TYR B 827 3.49 31.23 5.64
N TYR B 828 2.17 31.45 5.68
CA TYR B 828 1.23 30.35 5.86
C TYR B 828 1.38 29.33 4.76
N TRP B 829 1.41 29.81 3.52
CA TRP B 829 1.46 28.89 2.39
C TRP B 829 2.81 28.24 2.27
N HIS B 830 3.88 28.95 2.67
CA HIS B 830 5.20 28.33 2.72
C HIS B 830 5.23 27.20 3.75
N VAL B 831 4.72 27.47 4.94
CA VAL B 831 4.78 26.48 6.02
C VAL B 831 3.83 25.33 5.74
N ILE B 832 2.65 25.60 5.19
CA ILE B 832 1.74 24.53 4.90
C ILE B 832 2.15 23.75 3.66
N ALA B 833 2.90 24.37 2.75
CA ALA B 833 3.44 23.61 1.64
C ALA B 833 4.57 22.73 2.11
N ALA B 834 5.35 23.20 3.09
CA ALA B 834 6.37 22.34 3.68
C ALA B 834 5.74 21.22 4.49
N LYS B 835 4.60 21.49 5.12
CA LYS B 835 3.85 20.43 5.81
C LYS B 835 3.41 19.36 4.85
N LEU B 836 2.79 19.75 3.74
CA LEU B 836 2.28 18.77 2.77
C LEU B 836 3.41 18.07 2.07
N ALA B 837 4.50 18.78 1.76
CA ALA B 837 5.66 18.15 1.17
C ALA B 837 6.32 17.19 2.13
N PHE B 838 6.27 17.50 3.42
CA PHE B 838 6.78 16.58 4.44
C PHE B 838 5.93 15.34 4.51
N ILE B 839 4.62 15.50 4.40
CA ILE B 839 3.72 14.34 4.40
C ILE B 839 4.01 13.45 3.21
N ILE B 840 4.23 14.06 2.03
CA ILE B 840 4.49 13.29 0.82
C ILE B 840 5.84 12.60 0.89
N VAL B 841 6.88 13.35 1.28
CA VAL B 841 8.24 12.81 1.35
C VAL B 841 8.33 11.73 2.42
N MET B 842 7.77 11.98 3.60
CA MET B 842 7.84 11.03 4.70
C MET B 842 7.03 9.78 4.39
N GLU B 843 5.83 9.94 3.83
CA GLU B 843 5.02 8.78 3.49
C GLU B 843 5.68 7.96 2.39
N HIS B 844 6.19 8.60 1.35
CA HIS B 844 6.75 7.83 0.25
C HIS B 844 8.06 7.18 0.64
N ILE B 845 8.90 7.88 1.39
CA ILE B 845 10.16 7.31 1.87
C ILE B 845 9.91 6.15 2.80
N ILE B 846 8.98 6.30 3.75
CA ILE B 846 8.74 5.25 4.72
C ILE B 846 8.04 4.06 4.05
N TYR B 847 7.15 4.31 3.11
CA TYR B 847 6.48 3.21 2.43
C TYR B 847 7.43 2.46 1.51
N SER B 848 8.39 3.16 0.90
CA SER B 848 9.40 2.43 0.12
C SER B 848 10.34 1.66 1.03
N VAL B 849 10.67 2.20 2.21
CA VAL B 849 11.50 1.48 3.16
C VAL B 849 10.77 0.24 3.67
N LYS B 850 9.46 0.36 3.91
CA LYS B 850 8.66 -0.78 4.32
C LYS B 850 8.56 -1.82 3.21
N PHE B 851 8.49 -1.36 1.96
CA PHE B 851 8.49 -2.29 0.84
C PHE B 851 9.84 -2.99 0.68
N PHE B 852 10.94 -2.23 0.81
CA PHE B 852 12.28 -2.81 0.71
C PHE B 852 12.55 -3.79 1.83
N ILE B 853 11.99 -3.53 3.01
CA ILE B 853 12.25 -4.41 4.14
C ILE B 853 11.38 -5.65 4.07
N SER B 854 10.12 -5.51 3.64
CA SER B 854 9.27 -6.68 3.47
C SER B 854 9.71 -7.54 2.31
N TYR B 855 10.33 -6.92 1.30
CA TYR B 855 10.87 -7.66 0.17
C TYR B 855 12.26 -8.24 0.48
N ALA B 856 13.02 -7.58 1.34
CA ALA B 856 14.38 -8.01 1.64
C ALA B 856 14.38 -9.08 2.72
N ILE B 857 13.51 -8.97 3.71
CA ILE B 857 13.43 -10.01 4.72
C ILE B 857 12.77 -11.24 4.10
N PRO B 858 13.38 -12.42 4.20
CA PRO B 858 12.84 -13.60 3.49
C PRO B 858 11.55 -14.16 4.06
N ASP B 859 11.11 -13.68 5.23
CA ASP B 859 9.87 -14.08 5.89
C ASP B 859 9.84 -15.58 6.19
N VAL B 860 11.01 -16.18 6.40
CA VAL B 860 11.15 -17.59 6.74
C VAL B 860 12.48 -17.73 7.47
N SER B 861 12.66 -18.86 8.16
CA SER B 861 13.89 -19.14 8.88
C SER B 861 15.09 -19.33 7.95
CA CA C . 3.65 -5.74 -30.08
CA CA D . 3.27 -10.02 -28.81
O1 P1O E . 7.07 22.64 -11.76
O2 P1O E . 6.42 24.80 -10.45
P1 P1O E . 7.11 23.49 -10.54
O3 P1O E . 8.81 23.92 -10.37
C1 P1O E . 9.21 25.10 -10.89
C2 P1O E . 9.27 25.00 -12.48
N1 P1O E . 8.92 26.32 -13.24
C3 P1O E . 9.88 26.52 -14.37
C4 P1O E . 8.99 27.53 -12.33
C5 P1O E . 7.52 26.24 -13.81
O4 P1O E . 6.91 22.47 -9.22
C6 P1O E . 7.56 21.26 -9.06
C7 P1O E . 8.60 21.33 -7.93
C8 P1O E . 9.88 20.56 -8.32
O5 P1O E . 9.52 19.40 -9.08
C9 P1O E . 9.40 18.23 -8.37
O6 P1O E . 9.78 18.19 -7.24
C10 P1O E . 8.78 17.00 -9.07
C11 P1O E . 9.46 15.68 -8.65
C12 P1O E . 8.51 14.55 -8.25
C13 P1O E . 9.04 13.09 -8.42
C14 P1O E . 7.93 12.00 -8.55
C15 P1O E . 8.36 10.53 -8.27
C16 P1O E . 7.40 9.45 -8.80
C17 P1O E . 7.86 7.98 -8.64
C18 P1O E . 7.75 7.42 -7.22
O7 P1O E . 8.07 20.68 -6.75
C19 P1O E . 8.51 21.11 -5.49
O8 P1O E . 9.24 22.05 -5.40
C20 P1O E . 8.01 20.32 -4.21
C21 P1O E . 8.87 19.07 -3.85
C22 P1O E . 8.13 17.82 -3.27
C23 P1O E . 8.19 16.56 -4.17
C24 P1O E . 7.99 15.18 -3.50
C25 P1O E . 7.27 14.11 -4.36
C26 P1O E . 7.66 12.61 -4.16
C27 P1O E . 8.94 12.36 -3.34
C28 P1O E . 9.47 10.92 -3.40
CA CA F . -4.48 -4.61 30.15
CA CA G . -4.86 -8.91 28.94
O1 P1O H . -3.18 23.69 11.44
O2 P1O H . -2.18 25.69 10.09
P1 P1O H . -3.08 24.51 10.21
O3 P1O H . -4.69 25.23 10.04
C1 P1O H . -4.88 26.46 10.55
C2 P1O H . -4.95 26.39 12.13
N1 P1O H . -4.37 27.65 12.86
C3 P1O H . -5.28 28.02 14.00
C4 P1O H . -4.24 28.84 11.95
C5 P1O H . -3.00 27.35 13.43
O4 P1O H . -3.07 23.46 8.90
C6 P1O H . -3.92 22.38 8.76
C7 P1O H . -4.94 22.61 7.63
C8 P1O H . -6.32 22.07 8.04
O5 P1O H . -6.16 20.89 8.81
C9 P1O H . -6.25 19.69 8.11
O6 P1O H . -6.65 19.70 6.99
C10 P1O H . -5.84 18.38 8.84
C11 P1O H . -6.73 17.19 8.45
C12 P1O H . -5.99 15.91 8.04
C13 P1O H . -6.75 14.57 8.25
C14 P1O H . -5.85 13.31 8.38
C15 P1O H . -6.52 11.93 8.13
C16 P1O H . -5.75 10.70 8.68
C17 P1O H . -6.46 9.34 8.54
C18 P1O H . -6.46 8.75 7.12
O7 P1O H . -4.54 21.86 6.46
C19 P1O H . -4.90 22.34 5.19
O8 P1O H . -5.46 23.39 5.09
C20 P1O H . -4.55 21.45 3.93
C21 P1O H . -5.62 20.37 3.57
C22 P1O H . -5.10 19.01 3.02
C23 P1O H . -5.36 17.78 3.94
C24 P1O H . -5.40 16.38 3.28
C25 P1O H . -4.88 15.22 4.16
C26 P1O H . -5.50 13.80 3.98
C27 P1O H . -6.82 13.76 3.17
C28 P1O H . -7.58 12.43 3.25
#